data_5BPF
#
_entry.id   5BPF
#
_cell.length_a   62.872
_cell.length_b   106.475
_cell.length_c   211.462
_cell.angle_alpha   90.00
_cell.angle_beta   90.00
_cell.angle_gamma   90.00
#
_symmetry.space_group_name_H-M   'P 21 21 21'
#
loop_
_entity.id
_entity.type
_entity.pdbx_description
1 polymer 'D-alanine-D-alanine ligase'
2 non-polymer 'SODIUM ION'
3 non-polymer GLYCEROL
4 non-polymer "ADENOSINE-5'-DIPHOSPHATE"
5 non-polymer 'ACETATE ION'
6 water water
#
_entity_poly.entity_id   1
_entity_poly.type   'polypeptide(L)'
_entity_poly.pdbx_seq_one_letter_code
;MAEKVAVLLGGTSAEREVSLLSGQAVLAGLKEAGIDAYGVDTKDFPVTQLKEQGFDKVFIALHGRGGEDGTLQGVLEFLQ
LPYTGSGVMASALTMDKLRTKLVWQALGLPISPYVALNRQQFETLSPEELVACVAKLGLPLIVKPSHEGSSVGMSKVDHA
SELQKALVEAFQHDSDVLIEKWLSGPEFTVAILGDEVLPSIRIQPPGVFYDYDAKYLSDKTQYFCPSGLSDESEQQLAAL
ALQAYHALDCSGWGRVDVMQDRDGHFYLLEVNTSPGMTSHSLVPMAARQYGLSFSQLVARILMLAD
;
_entity_poly.pdbx_strand_id   A,B,C,D
#
# COMPACT_ATOMS: atom_id res chain seq x y z
N MET A 1 3.75 -2.28 -29.35
CA MET A 1 4.52 -2.66 -28.13
C MET A 1 4.57 -1.43 -27.19
N ALA A 2 5.73 -0.80 -27.03
CA ALA A 2 5.96 0.22 -25.99
C ALA A 2 4.95 1.39 -26.05
N GLU A 3 4.65 1.97 -24.89
CA GLU A 3 3.78 3.14 -24.84
C GLU A 3 4.47 4.37 -25.39
N LYS A 4 3.76 5.19 -26.12
CA LYS A 4 4.32 6.43 -26.64
C LYS A 4 4.01 7.58 -25.72
N VAL A 5 5.03 8.36 -25.42
CA VAL A 5 4.93 9.47 -24.48
C VAL A 5 5.12 10.83 -25.10
N ALA A 6 4.10 11.66 -24.98
CA ALA A 6 4.20 13.07 -25.39
C ALA A 6 4.82 13.90 -24.28
N VAL A 7 5.95 14.56 -24.58
CA VAL A 7 6.44 15.63 -23.75
C VAL A 7 5.91 16.98 -24.27
N LEU A 8 4.89 17.52 -23.59
CA LEU A 8 4.31 18.83 -23.89
C LEU A 8 5.22 19.95 -23.47
N LEU A 9 5.52 20.86 -24.40
CA LEU A 9 6.54 21.86 -24.17
C LEU A 9 6.31 23.15 -24.96
N GLY A 10 6.93 24.21 -24.48
CA GLY A 10 6.86 25.49 -25.15
C GLY A 10 5.58 26.26 -24.85
N GLY A 11 4.61 26.06 -25.73
CA GLY A 11 3.30 26.66 -25.56
C GLY A 11 3.33 28.16 -25.84
N THR A 12 2.31 28.84 -25.37
CA THR A 12 2.14 30.26 -25.66
C THR A 12 2.17 31.13 -24.42
N SER A 13 2.45 30.58 -23.25
CA SER A 13 2.48 31.42 -22.07
C SER A 13 3.75 32.31 -22.06
N ALA A 14 3.80 33.29 -21.17
CA ALA A 14 5.03 34.12 -21.01
C ALA A 14 6.24 33.27 -20.73
N GLU A 15 6.03 32.08 -20.17
CA GLU A 15 7.13 31.19 -19.82
C GLU A 15 7.59 30.29 -20.96
N ARG A 16 7.08 30.49 -22.16
CA ARG A 16 7.43 29.64 -23.31
C ARG A 16 8.91 29.27 -23.43
N GLU A 17 9.80 30.23 -23.15
CA GLU A 17 11.22 30.06 -23.49
C GLU A 17 11.81 29.08 -22.52
N VAL A 18 11.55 29.30 -21.23
CA VAL A 18 11.88 28.34 -20.18
C VAL A 18 11.29 26.95 -20.44
N SER A 19 10.04 26.88 -20.90
CA SER A 19 9.40 25.60 -21.17
C SER A 19 10.07 24.80 -22.29
N LEU A 20 10.59 25.50 -23.30
CA LEU A 20 11.30 24.82 -24.40
C LEU A 20 12.57 24.17 -23.86
N LEU A 21 13.24 24.82 -22.92
CA LEU A 21 14.40 24.22 -22.29
C LEU A 21 14.00 23.07 -21.36
N SER A 22 12.92 23.26 -20.61
CA SER A 22 12.45 22.21 -19.73
C SER A 22 12.17 20.98 -20.56
N GLY A 23 11.45 21.18 -21.65
CA GLY A 23 11.01 20.08 -22.48
C GLY A 23 12.13 19.37 -23.23
N GLN A 24 12.99 20.14 -23.88
CA GLN A 24 14.25 19.62 -24.43
C GLN A 24 14.96 18.72 -23.39
N ALA A 25 15.05 19.17 -22.15
CA ALA A 25 15.75 18.36 -21.15
C ALA A 25 14.89 17.11 -20.78
N VAL A 26 13.60 17.29 -20.52
CA VAL A 26 12.78 16.13 -20.15
C VAL A 26 12.85 15.06 -21.25
N LEU A 27 12.81 15.49 -22.47
CA LEU A 27 12.78 14.56 -23.59
C LEU A 27 14.08 13.74 -23.63
N ALA A 28 15.22 14.40 -23.42
CA ALA A 28 16.49 13.67 -23.43
C ALA A 28 16.62 12.74 -22.21
N GLY A 29 16.12 13.15 -21.06
CA GLY A 29 16.13 12.27 -19.89
C GLY A 29 15.23 11.04 -20.04
N LEU A 30 14.07 11.24 -20.65
CA LEU A 30 13.18 10.10 -20.83
C LEU A 30 13.73 9.08 -21.85
N LYS A 31 14.20 9.53 -22.99
CA LYS A 31 14.84 8.62 -23.96
C LYS A 31 16.03 7.88 -23.30
N GLU A 32 16.87 8.58 -22.55
CA GLU A 32 17.99 7.96 -21.85
C GLU A 32 17.49 6.89 -20.86
N ALA A 33 16.28 7.07 -20.30
CA ALA A 33 15.77 6.05 -19.39
C ALA A 33 15.12 4.86 -20.13
N GLY A 34 15.00 4.96 -21.45
CA GLY A 34 14.48 3.88 -22.30
C GLY A 34 13.05 4.09 -22.73
N ILE A 35 12.50 5.27 -22.45
CA ILE A 35 11.11 5.55 -22.72
C ILE A 35 10.96 6.02 -24.14
N ASP A 36 9.88 5.63 -24.81
CA ASP A 36 9.65 6.08 -26.21
C ASP A 36 8.91 7.46 -26.23
N ALA A 37 9.71 8.51 -26.11
CA ALA A 37 9.21 9.85 -25.87
C ALA A 37 9.35 10.78 -27.07
N TYR A 38 8.43 11.73 -27.23
CA TYR A 38 8.42 12.66 -28.37
C TYR A 38 8.16 14.05 -27.89
N GLY A 39 8.99 15.01 -28.35
CA GLY A 39 8.76 16.41 -28.09
C GLY A 39 7.52 16.89 -28.82
N VAL A 40 6.71 17.74 -28.17
CA VAL A 40 5.49 18.27 -28.78
C VAL A 40 5.32 19.75 -28.42
N ASP A 41 5.58 20.63 -29.37
CA ASP A 41 5.40 22.07 -29.09
C ASP A 41 3.90 22.39 -29.23
N THR A 42 3.28 22.70 -28.10
CA THR A 42 1.84 22.83 -28.06
C THR A 42 1.39 24.14 -28.69
N LYS A 43 2.33 25.04 -28.96
CA LYS A 43 2.07 26.16 -29.85
C LYS A 43 1.66 25.68 -31.25
N ASP A 44 2.23 24.59 -31.73
CA ASP A 44 1.99 24.16 -33.08
C ASP A 44 1.05 22.99 -33.11
N PHE A 45 0.89 22.30 -32.00
CA PHE A 45 0.11 21.08 -32.01
C PHE A 45 -0.94 21.22 -30.95
N PRO A 46 -2.23 21.09 -31.33
CA PRO A 46 -3.30 21.27 -30.34
C PRO A 46 -3.36 20.07 -29.38
N VAL A 47 -3.32 20.36 -28.07
CA VAL A 47 -3.31 19.31 -27.06
C VAL A 47 -4.51 18.35 -27.19
N THR A 48 -5.61 18.84 -27.79
CA THR A 48 -6.87 18.08 -27.97
C THR A 48 -6.73 16.91 -28.95
N GLN A 49 -5.65 16.85 -29.71
CA GLN A 49 -5.45 15.76 -30.63
C GLN A 49 -4.39 14.77 -30.19
N LEU A 50 -3.96 14.85 -28.93
CA LEU A 50 -2.90 13.94 -28.51
C LEU A 50 -3.30 12.47 -28.64
N LYS A 51 -4.54 12.14 -28.30
CA LYS A 51 -4.95 10.76 -28.42
C LYS A 51 -5.03 10.28 -29.88
N GLU A 52 -5.72 11.02 -30.75
CA GLU A 52 -5.86 10.58 -32.14
C GLU A 52 -4.49 10.44 -32.84
N GLN A 53 -3.46 11.07 -32.30
CA GLN A 53 -2.15 10.90 -32.86
C GLN A 53 -1.39 9.76 -32.21
N GLY A 54 -2.06 8.93 -31.42
CA GLY A 54 -1.43 7.77 -30.87
C GLY A 54 -0.71 7.91 -29.52
N PHE A 55 -0.75 9.06 -28.85
CA PHE A 55 -0.06 9.10 -27.54
C PHE A 55 -0.78 8.33 -26.41
N ASP A 56 -0.01 7.69 -25.57
CA ASP A 56 -0.55 6.92 -24.47
C ASP A 56 -0.47 7.67 -23.13
N LYS A 57 0.52 8.57 -22.99
CA LYS A 57 0.87 9.13 -21.71
C LYS A 57 1.48 10.49 -22.00
N VAL A 58 1.35 11.41 -21.05
CA VAL A 58 1.79 12.77 -21.21
C VAL A 58 2.72 13.20 -20.05
N PHE A 59 3.89 13.69 -20.40
CA PHE A 59 4.74 14.43 -19.52
C PHE A 59 4.51 15.92 -19.78
N ILE A 60 4.09 16.62 -18.72
CA ILE A 60 3.80 18.02 -18.84
C ILE A 60 5.02 18.80 -18.47
N ALA A 61 5.54 19.51 -19.46
CA ALA A 61 6.67 20.40 -19.22
C ALA A 61 6.34 21.85 -19.63
N LEU A 62 5.04 22.19 -19.59
CA LEU A 62 4.58 23.55 -19.83
C LEU A 62 4.53 24.29 -18.48
N HIS A 63 4.62 25.62 -18.52
CA HIS A 63 4.61 26.44 -17.31
C HIS A 63 3.65 27.60 -17.55
N GLY A 64 3.05 28.08 -16.47
CA GLY A 64 2.22 29.26 -16.51
C GLY A 64 0.85 28.95 -17.05
N ARG A 65 0.24 29.97 -17.60
CA ARG A 65 -1.13 29.92 -18.06
C ARG A 65 -1.22 28.80 -19.06
N GLY A 66 -2.23 27.95 -18.94
CA GLY A 66 -2.41 26.86 -19.88
C GLY A 66 -1.57 25.61 -19.65
N GLY A 67 -0.64 25.66 -18.71
CA GLY A 67 0.15 24.49 -18.33
C GLY A 67 0.01 23.97 -16.88
N GLU A 68 -0.01 24.88 -15.93
CA GLU A 68 0.01 24.50 -14.52
C GLU A 68 -1.20 24.95 -13.72
N ASP A 69 -2.25 25.36 -14.43
CA ASP A 69 -3.39 26.08 -13.88
C ASP A 69 -4.69 25.32 -13.97
N GLY A 70 -4.61 24.09 -14.40
CA GLY A 70 -5.76 23.21 -14.46
C GLY A 70 -6.46 23.08 -15.83
N THR A 71 -6.21 23.97 -16.77
CA THR A 71 -6.97 23.94 -17.99
C THR A 71 -6.46 22.73 -18.83
N LEU A 72 -5.15 22.66 -19.02
CA LEU A 72 -4.51 21.53 -19.69
C LEU A 72 -4.91 20.20 -19.05
N GLN A 73 -4.91 20.17 -17.72
CA GLN A 73 -5.22 18.97 -16.99
C GLN A 73 -6.65 18.51 -17.29
N GLY A 74 -7.53 19.49 -17.45
CA GLY A 74 -8.93 19.24 -17.82
C GLY A 74 -9.06 18.58 -19.18
N VAL A 75 -8.36 19.13 -20.16
CA VAL A 75 -8.31 18.51 -21.48
C VAL A 75 -7.81 17.08 -21.42
N LEU A 76 -6.70 16.85 -20.70
CA LEU A 76 -6.15 15.51 -20.55
C LEU A 76 -7.07 14.52 -19.81
N GLU A 77 -7.74 14.97 -18.77
CA GLU A 77 -8.78 14.20 -18.13
C GLU A 77 -9.88 13.83 -19.12
N PHE A 78 -10.31 14.75 -19.96
CA PHE A 78 -11.34 14.49 -20.92
C PHE A 78 -10.88 13.45 -21.94
N LEU A 79 -9.67 13.59 -22.45
CA LEU A 79 -9.07 12.61 -23.34
C LEU A 79 -8.70 11.29 -22.60
N GLN A 80 -8.73 11.33 -21.27
CA GLN A 80 -8.37 10.17 -20.48
C GLN A 80 -6.97 9.71 -20.78
N LEU A 81 -6.04 10.64 -21.00
CA LEU A 81 -4.63 10.31 -20.96
C LEU A 81 -4.07 10.51 -19.57
N PRO A 82 -3.29 9.53 -19.08
CA PRO A 82 -2.55 9.75 -17.91
C PRO A 82 -1.51 10.87 -18.11
N TYR A 83 -1.29 11.67 -17.06
CA TYR A 83 -0.34 12.75 -17.15
C TYR A 83 0.40 12.98 -15.83
N THR A 84 1.54 13.64 -15.93
CA THR A 84 2.42 13.92 -14.82
C THR A 84 1.89 15.12 -14.01
N GLY A 85 2.24 15.14 -12.72
CA GLY A 85 1.82 16.26 -11.87
C GLY A 85 0.42 16.18 -11.32
N SER A 86 -0.03 17.29 -10.72
CA SER A 86 -1.35 17.37 -10.00
C SER A 86 -2.54 17.41 -10.97
N GLY A 87 -3.69 16.98 -10.47
CA GLY A 87 -4.92 17.03 -11.19
C GLY A 87 -5.50 18.43 -11.31
N VAL A 88 -6.74 18.50 -11.75
CA VAL A 88 -7.39 19.77 -12.05
C VAL A 88 -7.51 20.71 -10.83
N MET A 89 -8.00 20.16 -9.75
CA MET A 89 -8.42 20.93 -8.62
C MET A 89 -7.15 21.58 -8.11
N ALA A 90 -6.19 20.73 -7.84
CA ALA A 90 -4.92 21.18 -7.25
C ALA A 90 -4.13 22.14 -8.13
N SER A 91 -4.10 21.85 -9.42
CA SER A 91 -3.38 22.68 -10.34
C SER A 91 -3.97 24.09 -10.34
N ALA A 92 -5.31 24.15 -10.30
CA ALA A 92 -6.03 25.39 -10.30
C ALA A 92 -6.02 26.09 -8.92
N LEU A 93 -6.21 25.35 -7.85
CA LEU A 93 -6.23 25.91 -6.49
C LEU A 93 -4.88 26.62 -6.20
N THR A 94 -3.77 25.99 -6.53
CA THR A 94 -2.46 26.58 -6.31
C THR A 94 -2.21 27.87 -7.06
N MET A 95 -3.06 28.27 -8.02
CA MET A 95 -2.98 29.61 -8.64
C MET A 95 -3.74 30.64 -7.84
N ASP A 96 -4.56 30.23 -6.90
CA ASP A 96 -5.33 31.17 -6.15
C ASP A 96 -4.67 31.31 -4.79
N LYS A 97 -3.92 32.38 -4.62
CA LYS A 97 -3.13 32.53 -3.40
C LYS A 97 -4.03 32.77 -2.21
N LEU A 98 -5.17 33.43 -2.35
CA LEU A 98 -6.13 33.57 -1.29
C LEU A 98 -6.60 32.17 -0.80
N ARG A 99 -7.16 31.37 -1.70
CA ARG A 99 -7.78 30.10 -1.22
C ARG A 99 -6.78 29.07 -0.77
N THR A 100 -5.63 29.04 -1.40
CA THR A 100 -4.46 28.30 -0.87
C THR A 100 -4.20 28.66 0.60
N LYS A 101 -4.15 29.96 0.89
CA LYS A 101 -3.95 30.38 2.26
C LYS A 101 -5.08 29.93 3.18
N LEU A 102 -6.31 30.13 2.74
CA LEU A 102 -7.42 29.74 3.56
C LEU A 102 -7.35 28.26 3.90
N VAL A 103 -7.02 27.43 2.94
CA VAL A 103 -6.98 25.97 3.18
C VAL A 103 -5.85 25.68 4.21
N TRP A 104 -4.69 26.26 3.99
CA TRP A 104 -3.62 26.12 4.95
C TRP A 104 -3.98 26.67 6.36
N GLN A 105 -4.62 27.81 6.47
CA GLN A 105 -4.97 28.31 7.82
C GLN A 105 -5.96 27.39 8.52
N ALA A 106 -6.94 26.84 7.79
CA ALA A 106 -7.91 25.97 8.46
C ALA A 106 -7.28 24.73 8.98
N LEU A 107 -6.23 24.25 8.34
CA LEU A 107 -5.51 23.09 8.86
C LEU A 107 -4.50 23.44 9.97
N GLY A 108 -4.35 24.72 10.35
CA GLY A 108 -3.39 25.09 11.38
C GLY A 108 -1.96 25.21 10.80
N LEU A 109 -1.82 25.30 9.49
CA LEU A 109 -0.48 25.34 8.92
C LEU A 109 -0.02 26.79 8.95
N PRO A 110 1.26 27.03 9.06
CA PRO A 110 1.70 28.46 9.27
C PRO A 110 1.77 29.29 8.00
N ILE A 111 1.09 30.44 7.96
CA ILE A 111 1.26 31.42 6.88
C ILE A 111 1.43 32.80 7.51
N SER A 112 1.93 33.78 6.76
CA SER A 112 2.20 35.08 7.37
C SER A 112 0.90 35.85 7.55
N PRO A 113 0.86 36.71 8.56
CA PRO A 113 -0.33 37.49 8.72
C PRO A 113 -0.63 38.25 7.46
N TYR A 114 -1.90 38.41 7.15
CA TYR A 114 -2.29 39.12 5.96
C TYR A 114 -3.72 39.64 6.09
N VAL A 115 -4.10 40.49 5.17
CA VAL A 115 -5.50 40.79 4.92
C VAL A 115 -5.82 40.70 3.44
N ALA A 116 -7.02 40.19 3.18
CA ALA A 116 -7.62 40.09 1.83
C ALA A 116 -8.55 41.27 1.61
N LEU A 117 -8.50 41.88 0.45
CA LEU A 117 -9.42 42.95 0.06
C LEU A 117 -10.08 42.64 -1.28
N ASN A 118 -11.40 42.75 -1.35
CA ASN A 118 -12.09 42.63 -2.65
C ASN A 118 -12.28 44.02 -3.28
N ARG A 119 -12.59 44.07 -4.57
CA ARG A 119 -12.77 45.37 -5.24
C ARG A 119 -13.90 46.20 -4.62
N GLN A 120 -14.91 45.55 -4.05
CA GLN A 120 -16.01 46.29 -3.46
C GLN A 120 -15.55 47.08 -2.25
N GLN A 121 -14.68 46.47 -1.43
CA GLN A 121 -14.11 47.13 -0.25
C GLN A 121 -13.26 48.28 -0.68
N PHE A 122 -12.44 48.02 -1.68
CA PHE A 122 -11.76 49.10 -2.34
C PHE A 122 -12.96 49.87 -2.93
N GLU A 123 -12.80 51.01 -3.58
CA GLU A 123 -14.03 51.69 -4.08
C GLU A 123 -14.90 52.26 -2.93
N THR A 124 -15.23 51.46 -1.93
CA THR A 124 -16.08 51.89 -0.81
C THR A 124 -15.26 52.65 0.24
N LEU A 125 -14.04 52.19 0.48
CA LEU A 125 -13.23 52.64 1.61
C LEU A 125 -12.28 53.69 1.18
N SER A 126 -12.06 54.67 2.05
CA SER A 126 -11.07 55.73 1.80
C SER A 126 -9.63 55.24 2.04
N PRO A 127 -8.64 55.91 1.40
CA PRO A 127 -7.23 55.59 1.58
C PRO A 127 -6.83 55.50 3.05
N GLU A 128 -7.26 56.49 3.84
CA GLU A 128 -7.00 56.46 5.27
C GLU A 128 -7.59 55.22 5.90
N GLU A 129 -8.83 54.85 5.59
CA GLU A 129 -9.39 53.67 6.26
C GLU A 129 -8.77 52.31 5.76
N LEU A 130 -8.24 52.30 4.54
CA LEU A 130 -7.49 51.15 4.05
C LEU A 130 -6.20 50.98 4.87
N VAL A 131 -5.46 52.08 5.02
CA VAL A 131 -4.28 52.11 5.86
C VAL A 131 -4.60 51.47 7.19
N ALA A 132 -5.72 51.87 7.80
CA ALA A 132 -6.18 51.31 9.09
C ALA A 132 -6.52 49.80 9.08
N CYS A 133 -7.14 49.30 7.99
CA CYS A 133 -7.39 47.88 7.81
C CYS A 133 -6.10 47.01 7.87
N VAL A 134 -4.99 47.59 7.43
CA VAL A 134 -3.74 46.86 7.38
C VAL A 134 -2.69 47.26 8.39
N ALA A 135 -3.09 48.08 9.36
CA ALA A 135 -2.17 48.68 10.32
C ALA A 135 -1.56 47.62 11.20
N LYS A 136 -2.39 46.68 11.57
CA LYS A 136 -1.96 45.54 12.39
C LYS A 136 -0.86 44.69 11.80
N LEU A 137 -0.65 44.76 10.49
CA LEU A 137 0.37 43.98 9.83
C LEU A 137 1.73 44.67 9.86
N GLY A 138 1.77 45.92 10.32
CA GLY A 138 3.01 46.68 10.37
C GLY A 138 3.52 47.00 9.00
N LEU A 139 4.78 47.36 9.01
CA LEU A 139 5.52 47.67 7.79
C LEU A 139 6.87 46.98 7.82
N PRO A 140 7.38 46.63 6.64
CA PRO A 140 6.84 46.74 5.32
C PRO A 140 5.78 45.65 4.97
N LEU A 141 5.04 45.89 3.88
CA LEU A 141 3.97 45.04 3.35
C LEU A 141 4.23 44.60 1.89
N ILE A 142 3.62 43.47 1.52
CA ILE A 142 3.66 42.97 0.16
C ILE A 142 2.22 43.03 -0.26
N VAL A 143 2.01 43.66 -1.42
CA VAL A 143 0.69 43.79 -2.00
C VAL A 143 0.65 43.06 -3.33
N LYS A 144 -0.39 42.23 -3.53
CA LYS A 144 -0.49 41.45 -4.75
C LYS A 144 -1.89 40.96 -5.10
N PRO A 145 -2.13 40.84 -6.40
CA PRO A 145 -3.38 40.18 -6.81
C PRO A 145 -3.41 38.74 -6.30
N SER A 146 -4.59 38.34 -5.88
CA SER A 146 -4.79 36.97 -5.41
C SER A 146 -4.48 35.91 -6.46
N HIS A 147 -4.66 36.23 -7.73
CA HIS A 147 -4.37 35.23 -8.77
C HIS A 147 -3.01 35.36 -9.44
N GLU A 148 -2.45 34.21 -9.72
CA GLU A 148 -1.23 34.09 -10.45
C GLU A 148 -1.54 34.37 -11.92
N SER A 151 5.42 38.46 -10.69
CA SER A 151 5.73 39.87 -10.50
C SER A 151 4.58 40.81 -10.90
N VAL A 152 3.95 40.55 -12.05
CA VAL A 152 2.82 41.33 -12.57
C VAL A 152 1.91 41.86 -11.43
N GLY A 153 1.92 43.19 -11.20
CA GLY A 153 1.01 43.86 -10.22
C GLY A 153 1.34 43.78 -8.72
N MET A 154 2.50 43.21 -8.43
CA MET A 154 2.98 43.05 -7.07
C MET A 154 3.89 44.21 -6.65
N SER A 155 3.71 44.74 -5.44
CA SER A 155 4.72 45.67 -4.88
C SER A 155 5.08 45.45 -3.43
N LYS A 156 6.21 46.04 -3.05
CA LYS A 156 6.57 46.26 -1.65
C LYS A 156 6.19 47.69 -1.21
N VAL A 157 5.35 47.78 -0.20
CA VAL A 157 4.97 49.03 0.45
C VAL A 157 5.82 49.23 1.72
N ASP A 158 6.66 50.29 1.74
CA ASP A 158 7.53 50.59 2.88
C ASP A 158 6.94 51.61 3.86
N HIS A 159 5.98 52.39 3.41
CA HIS A 159 5.32 53.43 4.21
C HIS A 159 3.84 53.42 3.89
N ALA A 160 2.99 53.76 4.86
CA ALA A 160 1.54 53.78 4.65
C ALA A 160 1.08 54.60 3.43
N SER A 161 1.81 55.67 3.12
CA SER A 161 1.41 56.56 2.05
C SER A 161 1.66 55.91 0.66
N GLU A 162 2.46 54.86 0.57
CA GLU A 162 2.59 54.13 -0.68
C GLU A 162 1.48 53.05 -0.87
N LEU A 163 0.64 52.81 0.15
CA LEU A 163 -0.32 51.71 0.08
C LEU A 163 -1.28 51.87 -1.11
N GLN A 164 -1.90 53.04 -1.18
CA GLN A 164 -2.96 53.28 -2.13
C GLN A 164 -2.51 52.97 -3.54
N LYS A 165 -1.32 53.40 -3.90
CA LYS A 165 -0.84 53.16 -5.22
C LYS A 165 -0.67 51.66 -5.46
N ALA A 166 -0.11 50.95 -4.48
CA ALA A 166 0.10 49.53 -4.66
C ALA A 166 -1.25 48.88 -4.87
N LEU A 167 -2.25 49.37 -4.14
CA LEU A 167 -3.58 48.83 -4.25
C LEU A 167 -4.19 49.06 -5.63
N VAL A 168 -3.96 50.25 -6.18
CA VAL A 168 -4.39 50.60 -7.52
C VAL A 168 -3.83 49.62 -8.54
N GLU A 169 -2.51 49.44 -8.56
CA GLU A 169 -1.91 48.50 -9.50
C GLU A 169 -2.53 47.11 -9.34
N ALA A 170 -2.61 46.60 -8.11
CA ALA A 170 -3.02 45.23 -7.91
C ALA A 170 -4.41 45.07 -8.43
N PHE A 171 -5.29 46.02 -8.13
CA PHE A 171 -6.66 45.89 -8.55
C PHE A 171 -6.85 46.03 -10.07
N GLN A 172 -5.82 46.35 -10.82
CA GLN A 172 -5.95 46.33 -12.28
C GLN A 172 -5.66 44.94 -12.87
N HIS A 173 -5.23 44.00 -12.01
CA HIS A 173 -5.01 42.61 -12.43
C HIS A 173 -6.05 41.63 -11.86
N ASP A 174 -6.76 42.03 -10.81
CA ASP A 174 -7.65 41.14 -10.10
C ASP A 174 -8.68 41.89 -9.32
N SER A 175 -9.69 41.18 -8.82
CA SER A 175 -10.68 41.76 -7.92
C SER A 175 -10.49 41.25 -6.48
N ASP A 176 -9.45 40.43 -6.31
CA ASP A 176 -9.08 39.97 -5.02
C ASP A 176 -7.60 40.36 -4.84
N VAL A 177 -7.30 40.98 -3.71
CA VAL A 177 -5.96 41.45 -3.45
C VAL A 177 -5.57 41.09 -2.03
N LEU A 178 -4.32 40.69 -1.89
CA LEU A 178 -3.71 40.30 -0.63
C LEU A 178 -2.65 41.34 -0.25
N ILE A 179 -2.69 41.69 1.03
CA ILE A 179 -1.71 42.48 1.71
C ILE A 179 -1.13 41.61 2.83
N GLU A 180 0.14 41.33 2.71
CA GLU A 180 0.84 40.43 3.60
C GLU A 180 1.99 41.15 4.34
N LYS A 181 2.24 40.66 5.53
CA LYS A 181 3.37 41.10 6.33
C LYS A 181 4.64 40.67 5.67
N TRP A 182 5.57 41.61 5.48
CA TRP A 182 6.89 41.26 4.97
C TRP A 182 7.69 40.39 5.96
N LEU A 183 8.39 39.41 5.43
CA LEU A 183 9.20 38.52 6.23
C LEU A 183 10.63 38.71 5.86
N SER A 184 11.52 38.55 6.83
CA SER A 184 12.93 38.89 6.63
C SER A 184 13.77 37.77 6.01
N GLY A 185 13.25 36.56 5.87
CA GLY A 185 13.87 35.58 4.94
C GLY A 185 14.73 34.74 5.83
N PRO A 186 15.52 33.86 5.25
CA PRO A 186 15.64 33.51 3.84
C PRO A 186 14.48 32.63 3.36
N GLU A 187 14.45 32.48 2.06
CA GLU A 187 13.52 31.66 1.35
C GLU A 187 14.06 30.25 1.11
N PHE A 188 13.15 29.26 1.13
CA PHE A 188 13.48 27.88 0.75
C PHE A 188 12.47 27.28 -0.20
N THR A 189 12.93 26.31 -0.96
CA THR A 189 12.09 25.60 -1.83
C THR A 189 12.34 24.11 -1.58
N VAL A 190 11.24 23.36 -1.58
CA VAL A 190 11.26 21.94 -1.23
C VAL A 190 10.56 21.18 -2.34
N ALA A 191 11.35 20.43 -3.07
CA ALA A 191 10.82 19.62 -4.14
C ALA A 191 10.22 18.32 -3.55
N ILE A 192 9.04 17.99 -4.07
CA ILE A 192 8.37 16.76 -3.72
C ILE A 192 8.24 15.89 -4.95
N LEU A 193 8.48 14.61 -4.78
CA LEU A 193 8.43 13.59 -5.85
C LEU A 193 7.60 12.40 -5.37
N GLY A 194 6.37 12.28 -5.79
CA GLY A 194 5.59 11.21 -5.16
C GLY A 194 5.49 11.41 -3.64
N ASP A 195 5.98 10.47 -2.87
CA ASP A 195 5.94 10.56 -1.40
C ASP A 195 7.29 10.98 -0.82
N GLU A 196 8.31 11.09 -1.65
CA GLU A 196 9.60 11.51 -1.17
C GLU A 196 9.75 13.06 -1.18
N VAL A 197 10.26 13.59 -0.09
CA VAL A 197 10.67 15.02 -0.03
C VAL A 197 12.11 15.10 -0.38
N LEU A 198 12.48 15.84 -1.42
CA LEU A 198 13.90 15.97 -1.73
C LEU A 198 14.59 17.04 -0.85
N PRO A 199 15.93 17.11 -0.90
CA PRO A 199 16.68 18.08 -0.06
C PRO A 199 16.31 19.54 -0.39
N SER A 200 15.99 20.30 0.64
CA SER A 200 15.65 21.69 0.48
C SER A 200 16.79 22.55 -0.08
N ILE A 201 16.39 23.58 -0.78
CA ILE A 201 17.30 24.53 -1.32
C ILE A 201 17.05 25.89 -0.65
N ARG A 202 18.13 26.61 -0.29
CA ARG A 202 18.07 27.99 0.22
C ARG A 202 18.22 28.96 -0.93
N ILE A 203 17.36 29.97 -0.96
CA ILE A 203 17.45 30.95 -1.98
C ILE A 203 17.79 32.27 -1.30
N GLN A 204 18.86 32.88 -1.79
CA GLN A 204 19.36 34.17 -1.27
C GLN A 204 19.10 35.22 -2.34
N PRO A 205 18.03 36.03 -2.18
CA PRO A 205 17.81 37.11 -3.16
C PRO A 205 19.04 38.06 -3.27
N PRO A 206 19.14 38.87 -4.35
CA PRO A 206 20.21 39.87 -4.39
C PRO A 206 19.81 41.15 -3.63
N LYS A 220 21.45 37.34 -10.35
CA LYS A 220 22.45 37.41 -9.29
C LYS A 220 22.05 36.62 -8.02
N THR A 221 20.97 35.85 -8.10
CA THR A 221 20.47 35.09 -6.96
C THR A 221 21.37 33.89 -6.70
N GLN A 222 21.56 33.57 -5.42
CA GLN A 222 22.34 32.44 -5.02
C GLN A 222 21.45 31.27 -4.56
N TYR A 223 21.73 30.07 -5.06
CA TYR A 223 21.04 28.85 -4.63
C TYR A 223 21.94 28.01 -3.81
N PHE A 224 21.54 27.69 -2.58
CA PHE A 224 22.30 26.73 -1.78
C PHE A 224 21.56 25.41 -1.55
N CYS A 225 22.17 24.33 -2.04
CA CYS A 225 21.78 22.97 -1.69
C CYS A 225 23.03 22.16 -1.31
N PRO A 226 23.16 21.67 -0.07
CA PRO A 226 22.20 21.72 1.05
C PRO A 226 22.01 23.13 1.56
N SER A 227 20.94 23.30 2.31
CA SER A 227 20.43 24.60 2.57
C SER A 227 21.16 25.22 3.71
N GLY A 228 21.83 24.43 4.52
CA GLY A 228 22.46 25.01 5.73
C GLY A 228 21.68 24.76 7.00
N LEU A 229 20.41 24.42 6.84
CA LEU A 229 19.62 24.14 7.99
C LEU A 229 20.20 22.99 8.72
N SER A 230 19.91 22.92 10.01
CA SER A 230 20.26 21.77 10.81
C SER A 230 19.34 20.60 10.49
N ASP A 231 19.74 19.42 10.92
CA ASP A 231 19.07 18.20 10.57
C ASP A 231 17.65 18.23 11.10
N GLU A 232 17.49 18.76 12.31
CA GLU A 232 16.18 18.89 12.94
C GLU A 232 15.27 19.87 12.18
N SER A 233 15.82 21.01 11.82
CA SER A 233 15.10 21.99 11.04
C SER A 233 14.74 21.47 9.65
N GLU A 234 15.67 20.79 8.99
CA GLU A 234 15.40 20.18 7.66
C GLU A 234 14.25 19.19 7.73
N GLN A 235 14.30 18.33 8.71
CA GLN A 235 13.26 17.36 8.98
C GLN A 235 11.91 18.04 9.25
N GLN A 236 11.95 19.13 9.98
CA GLN A 236 10.72 19.86 10.26
C GLN A 236 10.15 20.45 8.97
N LEU A 237 11.04 21.03 8.16
CA LEU A 237 10.65 21.67 6.96
C LEU A 237 10.09 20.60 5.99
N ALA A 238 10.70 19.43 5.97
CA ALA A 238 10.27 18.39 5.02
C ALA A 238 8.84 17.93 5.37
N ALA A 239 8.58 17.75 6.66
CA ALA A 239 7.27 17.42 7.12
C ALA A 239 6.22 18.51 6.80
N LEU A 240 6.59 19.75 7.05
CA LEU A 240 5.73 20.86 6.78
C LEU A 240 5.41 21.02 5.27
N ALA A 241 6.41 20.90 4.41
CA ALA A 241 6.22 20.98 2.98
C ALA A 241 5.25 19.88 2.49
N LEU A 242 5.49 18.66 2.95
CA LEU A 242 4.65 17.52 2.61
C LEU A 242 3.20 17.76 3.12
N GLN A 243 3.02 18.27 4.32
CA GLN A 243 1.68 18.67 4.70
C GLN A 243 1.08 19.74 3.78
N ALA A 244 1.86 20.72 3.41
CA ALA A 244 1.35 21.82 2.63
C ALA A 244 0.85 21.33 1.29
N TYR A 245 1.63 20.38 0.74
CA TYR A 245 1.42 19.82 -0.61
C TYR A 245 0.19 18.90 -0.60
N HIS A 246 0.06 18.03 0.37
CA HIS A 246 -1.14 17.24 0.54
C HIS A 246 -2.34 18.08 0.85
N ALA A 247 -2.16 19.20 1.54
CA ALA A 247 -3.32 20.03 1.92
C ALA A 247 -4.09 20.53 0.71
N LEU A 248 -3.37 20.81 -0.36
CA LEU A 248 -3.99 21.30 -1.61
C LEU A 248 -4.31 20.20 -2.62
N ASP A 249 -4.04 18.95 -2.27
CA ASP A 249 -4.37 17.77 -3.11
C ASP A 249 -3.41 17.56 -4.23
N CYS A 250 -2.15 17.98 -4.06
CA CYS A 250 -1.17 17.79 -5.12
C CYS A 250 -0.78 16.32 -5.25
N SER A 251 -0.30 15.93 -6.40
CA SER A 251 0.26 14.63 -6.57
C SER A 251 1.23 14.69 -7.74
N GLY A 252 1.94 13.57 -7.84
CA GLY A 252 3.00 13.34 -8.78
C GLY A 252 4.31 14.00 -8.34
N TRP A 253 4.36 15.30 -8.55
CA TRP A 253 5.49 16.06 -8.09
C TRP A 253 5.12 17.52 -7.97
N GLY A 254 6.08 18.30 -7.48
CA GLY A 254 5.90 19.70 -7.27
C GLY A 254 6.99 20.33 -6.44
N ARG A 255 6.82 21.64 -6.22
CA ARG A 255 7.75 22.42 -5.42
C ARG A 255 7.01 23.29 -4.43
N VAL A 256 7.37 23.19 -3.17
CA VAL A 256 6.77 24.01 -2.16
C VAL A 256 7.76 25.14 -1.74
N ASP A 257 7.28 26.38 -1.75
CA ASP A 257 8.08 27.54 -1.38
C ASP A 257 7.74 27.98 0.04
N VAL A 258 8.77 28.16 0.82
CA VAL A 258 8.61 28.45 2.25
C VAL A 258 9.52 29.66 2.59
N MET A 259 9.17 30.39 3.63
CA MET A 259 10.02 31.50 4.07
C MET A 259 10.17 31.50 5.59
N GLN A 260 11.25 32.06 6.11
CA GLN A 260 11.41 32.23 7.54
C GLN A 260 11.19 33.66 7.96
N ASP A 261 10.71 33.83 9.18
CA ASP A 261 10.85 35.08 9.90
C ASP A 261 12.21 35.18 10.61
N ARG A 262 12.43 36.27 11.35
CA ARG A 262 13.78 36.57 11.92
C ARG A 262 14.06 35.58 13.04
N ASP A 263 13.00 35.01 13.63
CA ASP A 263 13.13 33.96 14.63
C ASP A 263 13.30 32.57 14.12
N GLY A 264 13.36 32.37 12.80
CA GLY A 264 13.46 31.02 12.21
C GLY A 264 12.15 30.22 12.06
N HIS A 265 10.98 30.75 12.44
CA HIS A 265 9.71 30.07 12.14
C HIS A 265 9.55 30.00 10.63
N PHE A 266 8.98 28.90 10.14
CA PHE A 266 8.71 28.73 8.69
C PHE A 266 7.29 29.15 8.32
N TYR A 267 7.11 29.70 7.14
CA TYR A 267 5.82 30.16 6.67
C TYR A 267 5.71 29.64 5.24
N LEU A 268 4.55 29.07 4.93
CA LEU A 268 4.23 28.60 3.58
C LEU A 268 3.87 29.75 2.68
N LEU A 269 4.47 29.83 1.51
CA LEU A 269 4.15 30.82 0.48
C LEU A 269 3.25 30.26 -0.63
N GLU A 270 3.65 29.16 -1.23
CA GLU A 270 2.93 28.64 -2.39
C GLU A 270 3.44 27.31 -2.82
N VAL A 271 2.68 26.67 -3.69
CA VAL A 271 3.10 25.40 -4.28
C VAL A 271 3.05 25.55 -5.77
N ASN A 272 4.05 25.07 -6.48
CA ASN A 272 4.06 25.18 -7.91
C ASN A 272 3.83 23.80 -8.46
N THR A 273 2.82 23.63 -9.31
CA THR A 273 2.44 22.33 -9.80
C THR A 273 3.03 21.92 -11.16
N SER A 274 3.80 22.78 -11.82
CA SER A 274 4.69 22.33 -12.94
C SER A 274 6.09 23.05 -12.98
N PRO A 275 6.99 22.67 -12.06
CA PRO A 275 8.26 23.39 -11.95
C PRO A 275 9.20 23.34 -13.20
N GLY A 276 10.14 24.27 -13.25
CA GLY A 276 11.14 24.38 -14.31
C GLY A 276 11.95 23.13 -14.32
N MET A 277 12.24 22.61 -15.48
CA MET A 277 13.02 21.40 -15.59
C MET A 277 14.27 21.56 -16.50
N THR A 278 14.76 22.81 -16.60
CA THR A 278 15.96 23.07 -17.36
C THR A 278 17.13 22.56 -16.54
N SER A 279 18.21 22.30 -17.25
CA SER A 279 19.40 21.74 -16.64
C SER A 279 19.82 22.55 -15.42
N HIS A 280 19.55 23.85 -15.39
CA HIS A 280 19.86 24.65 -14.21
C HIS A 280 18.64 25.05 -13.35
N SER A 281 17.59 24.22 -13.32
CA SER A 281 16.38 24.57 -12.52
C SER A 281 16.49 24.01 -11.12
N LEU A 282 15.59 24.45 -10.26
CA LEU A 282 15.66 24.07 -8.83
C LEU A 282 15.37 22.55 -8.53
N VAL A 283 14.36 21.98 -9.17
CA VAL A 283 14.00 20.59 -8.88
C VAL A 283 15.15 19.68 -9.33
N PRO A 284 15.64 19.82 -10.56
CA PRO A 284 16.88 19.07 -10.93
C PRO A 284 18.02 19.23 -9.93
N MET A 285 18.20 20.42 -9.36
CA MET A 285 19.32 20.62 -8.41
C MET A 285 19.05 19.81 -7.16
N ALA A 286 17.84 19.86 -6.63
CA ALA A 286 17.55 19.07 -5.44
C ALA A 286 17.57 17.53 -5.70
N ALA A 287 17.05 17.10 -6.84
CA ALA A 287 17.15 15.72 -7.21
C ALA A 287 18.59 15.24 -7.20
N ARG A 288 19.44 16.00 -7.88
CA ARG A 288 20.90 15.76 -7.93
C ARG A 288 21.54 15.59 -6.56
N GLN A 289 21.26 16.51 -5.65
CA GLN A 289 21.65 16.30 -4.25
C GLN A 289 21.07 15.03 -3.57
N TYR A 290 19.91 14.60 -4.03
CA TYR A 290 19.26 13.42 -3.46
C TYR A 290 19.90 12.12 -4.01
N GLY A 291 20.72 12.21 -5.05
CA GLY A 291 21.36 11.02 -5.58
C GLY A 291 20.83 10.62 -6.94
N LEU A 292 19.96 11.44 -7.54
CA LEU A 292 19.42 11.08 -8.82
C LEU A 292 20.01 11.88 -9.95
N SER A 293 20.19 11.22 -11.09
CA SER A 293 20.34 11.89 -12.32
C SER A 293 19.01 12.52 -12.75
N PHE A 294 19.16 13.48 -13.65
CA PHE A 294 18.04 14.16 -14.20
C PHE A 294 17.14 13.12 -14.93
N SER A 295 17.75 12.18 -15.63
CA SER A 295 17.04 11.11 -16.36
C SER A 295 16.22 10.28 -15.36
N GLN A 296 16.85 9.85 -14.27
CA GLN A 296 16.08 9.15 -13.24
C GLN A 296 14.92 9.97 -12.70
N LEU A 297 15.16 11.26 -12.50
CA LEU A 297 14.14 12.17 -11.99
C LEU A 297 12.91 12.16 -12.85
N VAL A 298 13.10 12.40 -14.15
CA VAL A 298 11.96 12.46 -15.02
C VAL A 298 11.30 11.09 -15.18
N ALA A 299 12.07 10.01 -15.16
CA ALA A 299 11.44 8.67 -15.28
C ALA A 299 10.59 8.40 -14.04
N ARG A 300 11.03 8.87 -12.87
CA ARG A 300 10.25 8.68 -11.66
C ARG A 300 8.95 9.45 -11.74
N ILE A 301 9.04 10.65 -12.25
CA ILE A 301 7.85 11.48 -12.38
C ILE A 301 6.84 10.80 -13.31
N LEU A 302 7.33 10.26 -14.42
CA LEU A 302 6.40 9.64 -15.40
C LEU A 302 5.78 8.40 -14.82
N MET A 303 6.55 7.67 -14.03
CA MET A 303 6.07 6.46 -13.46
C MET A 303 4.94 6.75 -12.49
N LEU A 304 4.91 7.94 -11.90
CA LEU A 304 3.81 8.32 -11.04
C LEU A 304 2.55 8.71 -11.79
N ALA A 305 2.61 8.76 -13.11
CA ALA A 305 1.44 8.99 -13.94
C ALA A 305 0.82 7.64 -14.39
N ASP A 306 -0.43 7.41 -14.09
CA ASP A 306 -1.18 6.23 -14.57
C ASP A 306 -2.68 6.57 -14.71
N MET B 1 -23.09 38.17 -36.63
CA MET B 1 -22.69 38.59 -35.25
C MET B 1 -23.56 38.04 -34.09
N ALA B 2 -24.77 37.51 -34.33
CA ALA B 2 -25.50 36.77 -33.26
C ALA B 2 -24.74 35.48 -32.86
N GLU B 3 -24.84 35.09 -31.60
CA GLU B 3 -24.03 33.98 -31.08
C GLU B 3 -24.67 32.69 -31.37
N LYS B 4 -23.83 31.70 -31.73
CA LYS B 4 -24.30 30.30 -31.74
C LYS B 4 -23.98 29.63 -30.43
N VAL B 5 -25.00 29.07 -29.82
CA VAL B 5 -24.94 28.51 -28.49
C VAL B 5 -25.11 27.01 -28.45
N ALA B 6 -24.10 26.33 -27.93
CA ALA B 6 -24.18 24.90 -27.63
C ALA B 6 -24.77 24.69 -26.26
N VAL B 7 -25.81 23.89 -26.20
CA VAL B 7 -26.36 23.43 -24.95
C VAL B 7 -25.83 22.03 -24.74
N LEU B 8 -24.82 21.88 -23.87
CA LEU B 8 -24.23 20.59 -23.56
C LEU B 8 -25.08 19.76 -22.65
N LEU B 9 -25.32 18.52 -23.06
CA LEU B 9 -26.36 17.72 -22.38
C LEU B 9 -26.10 16.20 -22.43
N GLY B 10 -26.76 15.46 -21.57
CA GLY B 10 -26.47 14.04 -21.45
C GLY B 10 -25.15 13.58 -20.92
N GLY B 11 -24.17 13.44 -21.76
CA GLY B 11 -22.90 12.98 -21.31
C GLY B 11 -22.88 11.53 -20.91
N THR B 12 -21.86 11.18 -20.13
CA THR B 12 -21.57 9.82 -19.78
C THR B 12 -21.53 9.60 -18.32
N SER B 13 -22.08 10.52 -17.53
CA SER B 13 -22.06 10.30 -16.08
C SER B 13 -23.29 9.52 -15.65
N ALA B 14 -23.30 9.15 -14.40
CA ALA B 14 -24.44 8.42 -13.90
C ALA B 14 -25.68 9.28 -13.93
N GLU B 15 -25.50 10.60 -14.00
CA GLU B 15 -26.67 11.53 -14.08
C GLU B 15 -27.11 11.84 -15.51
N ARG B 16 -26.67 11.04 -16.46
CA ARG B 16 -26.98 11.27 -17.87
C ARG B 16 -28.48 11.51 -18.15
N GLU B 17 -29.32 10.73 -17.51
CA GLU B 17 -30.72 10.74 -17.87
C GLU B 17 -31.35 12.00 -17.34
N VAL B 18 -30.97 12.45 -16.14
CA VAL B 18 -31.41 13.79 -15.70
C VAL B 18 -30.87 14.89 -16.60
N SER B 19 -29.61 14.78 -17.00
CA SER B 19 -28.98 15.80 -17.80
C SER B 19 -29.62 15.91 -19.20
N LEU B 20 -29.97 14.77 -19.82
CA LEU B 20 -30.80 14.82 -21.05
C LEU B 20 -32.03 15.72 -20.87
N LEU B 21 -32.70 15.58 -19.74
CA LEU B 21 -33.92 16.31 -19.52
C LEU B 21 -33.61 17.78 -19.21
N SER B 22 -32.59 18.04 -18.38
CA SER B 22 -32.16 19.44 -18.17
C SER B 22 -31.83 20.19 -19.45
N GLY B 23 -31.10 19.54 -20.34
CA GLY B 23 -30.57 20.21 -21.54
C GLY B 23 -31.70 20.40 -22.54
N GLN B 24 -32.62 19.44 -22.56
CA GLN B 24 -33.81 19.56 -23.36
C GLN B 24 -34.67 20.73 -22.86
N ALA B 25 -34.84 20.89 -21.56
CA ALA B 25 -35.65 22.02 -21.08
C ALA B 25 -34.88 23.34 -21.35
N VAL B 26 -33.58 23.38 -21.07
CA VAL B 26 -32.78 24.56 -21.37
C VAL B 26 -32.85 24.93 -22.82
N LEU B 27 -32.73 23.94 -23.67
CA LEU B 27 -32.72 24.26 -25.08
C LEU B 27 -34.02 24.92 -25.51
N ALA B 28 -35.17 24.44 -25.02
CA ALA B 28 -36.43 25.00 -25.43
C ALA B 28 -36.68 26.38 -24.78
N GLY B 29 -36.16 26.62 -23.56
CA GLY B 29 -36.25 27.97 -23.00
C GLY B 29 -35.41 28.94 -23.79
N LEU B 30 -34.20 28.55 -24.12
CA LEU B 30 -33.34 29.41 -24.94
C LEU B 30 -33.98 29.79 -26.29
N LYS B 31 -34.68 28.83 -26.89
CA LYS B 31 -35.24 29.06 -28.25
C LYS B 31 -36.45 29.98 -28.15
N GLU B 32 -37.21 29.80 -27.09
CA GLU B 32 -38.29 30.72 -26.76
C GLU B 32 -37.81 32.19 -26.61
N ALA B 33 -36.58 32.37 -26.13
CA ALA B 33 -36.01 33.69 -25.95
C ALA B 33 -35.34 34.18 -27.19
N GLY B 34 -35.32 33.32 -28.23
CA GLY B 34 -34.75 33.70 -29.50
C GLY B 34 -33.29 33.49 -29.60
N ILE B 35 -32.73 32.67 -28.71
CA ILE B 35 -31.32 32.34 -28.74
C ILE B 35 -31.06 31.30 -29.85
N ASP B 36 -29.98 31.45 -30.60
CA ASP B 36 -29.63 30.45 -31.60
C ASP B 36 -28.89 29.31 -30.92
N ALA B 37 -29.63 28.45 -30.24
CA ALA B 37 -29.05 27.39 -29.46
C ALA B 37 -29.20 26.03 -30.17
N TYR B 38 -28.34 25.08 -29.87
CA TYR B 38 -28.41 23.75 -30.43
C TYR B 38 -28.08 22.73 -29.34
N GLY B 39 -28.83 21.61 -29.32
CA GLY B 39 -28.54 20.49 -28.44
C GLY B 39 -27.25 19.81 -28.88
N VAL B 40 -26.36 19.55 -27.90
CA VAL B 40 -25.19 18.77 -28.13
C VAL B 40 -25.05 17.71 -27.03
N ASP B 41 -25.34 16.48 -27.44
CA ASP B 41 -25.16 15.30 -26.58
C ASP B 41 -23.67 14.94 -26.59
N THR B 42 -22.99 15.32 -25.53
CA THR B 42 -21.52 15.17 -25.39
C THR B 42 -21.13 13.69 -25.28
N LYS B 43 -22.06 12.79 -24.96
CA LYS B 43 -21.75 11.37 -25.18
C LYS B 43 -21.33 11.03 -26.63
N ASP B 44 -21.88 11.72 -27.60
CA ASP B 44 -21.76 11.33 -29.02
C ASP B 44 -20.95 12.31 -29.78
N PHE B 45 -20.57 13.42 -29.17
CA PHE B 45 -19.84 14.45 -29.85
C PHE B 45 -18.78 15.03 -28.90
N PRO B 46 -17.52 15.08 -29.36
CA PRO B 46 -16.47 15.42 -28.46
C PRO B 46 -16.43 16.90 -28.18
N VAL B 47 -16.54 17.24 -26.91
CA VAL B 47 -16.48 18.62 -26.39
C VAL B 47 -15.24 19.42 -26.91
N THR B 48 -14.16 18.73 -27.19
CA THR B 48 -13.02 19.37 -27.80
C THR B 48 -13.26 19.94 -29.21
N GLN B 49 -14.39 19.61 -29.82
CA GLN B 49 -14.66 20.15 -31.15
C GLN B 49 -15.63 21.30 -31.20
N LEU B 50 -16.04 21.81 -30.07
CA LEU B 50 -17.11 22.79 -30.08
C LEU B 50 -16.79 23.98 -30.96
N LYS B 51 -15.55 24.48 -30.88
CA LYS B 51 -15.13 25.65 -31.63
C LYS B 51 -15.13 25.34 -33.14
N GLU B 52 -14.68 24.13 -33.49
CA GLU B 52 -14.59 23.72 -34.91
C GLU B 52 -16.00 23.72 -35.46
N GLN B 53 -16.93 23.24 -34.66
CA GLN B 53 -18.29 23.15 -35.07
C GLN B 53 -18.99 24.52 -35.26
N GLY B 54 -18.29 25.64 -35.00
CA GLY B 54 -18.91 27.00 -35.15
C GLY B 54 -19.55 27.63 -33.90
N PHE B 55 -19.47 27.00 -32.72
CA PHE B 55 -20.10 27.59 -31.50
C PHE B 55 -19.28 28.75 -30.94
N ASP B 56 -19.96 29.80 -30.48
CA ASP B 56 -19.42 30.99 -29.83
C ASP B 56 -19.58 30.97 -28.31
N LYS B 57 -20.55 30.23 -27.79
CA LYS B 57 -20.86 30.28 -26.38
C LYS B 57 -21.52 28.96 -25.96
N VAL B 58 -21.27 28.53 -24.72
CA VAL B 58 -21.71 27.28 -24.23
C VAL B 58 -22.56 27.44 -23.00
N PHE B 59 -23.69 26.77 -23.02
CA PHE B 59 -24.51 26.61 -21.85
C PHE B 59 -24.33 25.18 -21.36
N ILE B 60 -23.86 25.02 -20.12
CA ILE B 60 -23.55 23.73 -19.57
C ILE B 60 -24.74 23.26 -18.81
N ALA B 61 -25.35 22.20 -19.32
CA ALA B 61 -26.46 21.51 -18.67
C ALA B 61 -26.13 20.05 -18.37
N LEU B 62 -24.83 19.74 -18.24
CA LEU B 62 -24.37 18.42 -17.77
C LEU B 62 -24.27 18.35 -16.28
N HIS B 63 -24.32 17.14 -15.71
CA HIS B 63 -24.23 17.00 -14.27
C HIS B 63 -23.23 15.94 -13.92
N GLY B 64 -22.64 16.05 -12.74
CA GLY B 64 -21.72 15.01 -12.30
C GLY B 64 -20.39 15.04 -13.02
N ARG B 65 -19.72 13.91 -12.96
CA ARG B 65 -18.40 13.72 -13.50
C ARG B 65 -18.28 14.23 -14.95
N GLY B 66 -17.22 15.00 -15.21
CA GLY B 66 -17.00 15.59 -16.56
C GLY B 66 -17.94 16.74 -16.96
N GLY B 67 -18.86 17.12 -16.07
CA GLY B 67 -19.74 18.28 -16.32
C GLY B 67 -19.61 19.45 -15.36
N GLU B 68 -19.58 19.15 -14.07
CA GLU B 68 -19.51 20.15 -13.03
C GLU B 68 -18.27 20.12 -12.17
N ASP B 69 -17.21 19.50 -12.67
CA ASP B 69 -16.08 19.20 -11.82
C ASP B 69 -14.82 19.80 -12.29
N GLY B 70 -14.86 20.69 -13.25
CA GLY B 70 -13.65 21.35 -13.65
C GLY B 70 -13.07 20.85 -14.96
N THR B 71 -13.33 19.60 -15.33
CA THR B 71 -12.65 19.04 -16.49
C THR B 71 -13.19 19.67 -17.78
N LEU B 72 -14.49 19.70 -17.92
CA LEU B 72 -15.17 20.39 -19.06
C LEU B 72 -14.82 21.86 -19.10
N GLN B 73 -14.85 22.51 -17.93
CA GLN B 73 -14.45 23.92 -17.85
C GLN B 73 -13.01 24.12 -18.34
N GLY B 74 -12.11 23.22 -18.05
CA GLY B 74 -10.76 23.36 -18.62
C GLY B 74 -10.78 23.26 -20.16
N VAL B 75 -11.59 22.37 -20.70
CA VAL B 75 -11.65 22.22 -22.15
C VAL B 75 -12.12 23.52 -22.73
N LEU B 76 -13.11 24.10 -22.08
CA LEU B 76 -13.69 25.34 -22.61
C LEU B 76 -12.74 26.51 -22.49
N GLU B 77 -11.94 26.54 -21.42
CA GLU B 77 -10.94 27.54 -21.29
C GLU B 77 -9.87 27.31 -22.36
N PHE B 78 -9.53 26.05 -22.64
CA PHE B 78 -8.51 25.80 -23.66
C PHE B 78 -8.96 26.33 -25.05
N LEU B 79 -10.22 26.14 -25.36
CA LEU B 79 -10.77 26.60 -26.60
C LEU B 79 -11.12 28.09 -26.57
N GLN B 80 -11.15 28.68 -25.37
CA GLN B 80 -11.46 30.08 -25.19
C GLN B 80 -12.86 30.38 -25.62
N LEU B 81 -13.76 29.47 -25.28
CA LEU B 81 -15.19 29.68 -25.40
C LEU B 81 -15.74 30.11 -24.06
N PRO B 82 -16.52 31.17 -24.05
CA PRO B 82 -17.25 31.51 -22.85
C PRO B 82 -18.33 30.48 -22.51
N TYR B 83 -18.60 30.30 -21.21
CA TYR B 83 -19.53 29.31 -20.76
C TYR B 83 -20.24 29.71 -19.49
N THR B 84 -21.37 29.05 -19.21
CA THR B 84 -22.14 29.33 -18.05
C THR B 84 -21.58 28.70 -16.78
N GLY B 85 -21.93 29.28 -15.65
CA GLY B 85 -21.57 28.68 -14.38
C GLY B 85 -20.16 28.97 -14.00
N SER B 86 -19.67 28.20 -13.04
CA SER B 86 -18.41 28.57 -12.41
C SER B 86 -17.23 28.05 -13.20
N GLY B 87 -16.07 28.64 -12.89
CA GLY B 87 -14.86 28.37 -13.61
C GLY B 87 -14.20 27.09 -13.14
N VAL B 88 -12.97 26.87 -13.60
CA VAL B 88 -12.25 25.63 -13.40
C VAL B 88 -12.06 25.32 -11.94
N MET B 89 -11.49 26.29 -11.24
CA MET B 89 -11.12 26.12 -9.85
C MET B 89 -12.35 25.79 -9.01
N ALA B 90 -13.36 26.66 -9.11
CA ALA B 90 -14.56 26.56 -8.27
C ALA B 90 -15.38 25.26 -8.58
N SER B 91 -15.49 24.95 -9.86
CA SER B 91 -16.18 23.72 -10.31
C SER B 91 -15.56 22.51 -9.64
N ALA B 92 -14.20 22.47 -9.66
CA ALA B 92 -13.49 21.36 -9.02
C ALA B 92 -13.49 21.38 -7.51
N LEU B 93 -13.32 22.56 -6.98
CA LEU B 93 -13.16 22.69 -5.55
C LEU B 93 -14.47 22.23 -4.89
N THR B 94 -15.61 22.58 -5.51
CA THR B 94 -16.92 22.22 -4.97
C THR B 94 -17.23 20.72 -4.95
N MET B 95 -16.41 19.90 -5.61
CA MET B 95 -16.52 18.42 -5.56
C MET B 95 -15.78 17.83 -4.41
N ASP B 96 -14.93 18.64 -3.77
CA ASP B 96 -14.07 18.17 -2.71
C ASP B 96 -14.59 18.70 -1.40
N LYS B 97 -15.28 17.82 -0.68
CA LYS B 97 -16.01 18.28 0.49
C LYS B 97 -15.03 18.68 1.61
N LEU B 98 -13.89 18.05 1.69
CA LEU B 98 -12.89 18.48 2.71
C LEU B 98 -12.40 19.91 2.42
N ARG B 99 -11.94 20.19 1.23
CA ARG B 99 -11.37 21.51 0.95
C ARG B 99 -12.40 22.62 0.90
N THR B 100 -13.59 22.30 0.44
CA THR B 100 -14.72 23.19 0.60
C THR B 100 -14.90 23.56 2.10
N LYS B 101 -14.96 22.57 2.96
CA LYS B 101 -15.14 22.86 4.39
C LYS B 101 -13.99 23.74 4.92
N LEU B 102 -12.76 23.43 4.53
CA LEU B 102 -11.59 24.13 5.10
C LEU B 102 -11.61 25.60 4.70
N VAL B 103 -11.98 25.87 3.46
CA VAL B 103 -12.12 27.23 3.02
C VAL B 103 -13.17 27.97 3.84
N TRP B 104 -14.34 27.38 3.92
CA TRP B 104 -15.40 28.00 4.67
C TRP B 104 -14.97 28.22 6.12
N GLN B 105 -14.29 27.24 6.68
CA GLN B 105 -13.88 27.31 8.07
C GLN B 105 -12.86 28.42 8.34
N ALA B 106 -11.89 28.55 7.45
CA ALA B 106 -10.90 29.60 7.61
C ALA B 106 -11.57 31.00 7.50
N LEU B 107 -12.71 31.13 6.78
CA LEU B 107 -13.44 32.38 6.73
C LEU B 107 -14.46 32.54 7.87
N GLY B 108 -14.47 31.62 8.80
CA GLY B 108 -15.36 31.70 9.92
C GLY B 108 -16.81 31.39 9.56
N LEU B 109 -17.07 30.69 8.46
CA LEU B 109 -18.45 30.45 8.06
C LEU B 109 -18.87 29.13 8.74
N PRO B 110 -20.16 28.95 8.97
CA PRO B 110 -20.47 27.85 9.87
C PRO B 110 -20.59 26.50 9.17
N ILE B 111 -19.90 25.49 9.73
CA ILE B 111 -19.93 24.14 9.24
C ILE B 111 -20.07 23.21 10.43
N SER B 112 -20.59 22.02 10.25
CA SER B 112 -20.73 21.16 11.40
C SER B 112 -19.35 20.63 11.78
N PRO B 113 -19.06 20.54 13.10
CA PRO B 113 -17.79 20.00 13.63
C PRO B 113 -17.46 18.64 13.03
N TYR B 114 -16.19 18.37 12.81
CA TYR B 114 -15.89 17.21 12.03
C TYR B 114 -14.45 16.82 12.26
N VAL B 115 -14.10 15.64 11.79
CA VAL B 115 -12.74 15.16 11.82
C VAL B 115 -12.53 14.54 10.47
N ALA B 116 -11.39 14.83 9.86
CA ALA B 116 -11.02 14.25 8.56
C ALA B 116 -9.96 13.24 8.80
N LEU B 117 -9.91 12.23 7.94
CA LEU B 117 -8.90 11.16 8.04
C LEU B 117 -8.29 10.73 6.71
N ASN B 118 -6.95 10.83 6.60
CA ASN B 118 -6.09 10.22 5.55
C ASN B 118 -6.08 8.68 5.58
N ARG B 119 -5.32 8.06 4.70
CA ARG B 119 -5.05 6.60 4.81
C ARG B 119 -4.03 6.30 5.91
N GLN B 120 -2.86 6.92 5.78
CA GLN B 120 -1.68 6.70 6.63
C GLN B 120 -1.94 7.28 8.02
N GLN B 121 -3.07 6.84 8.56
CA GLN B 121 -3.75 7.46 9.69
C GLN B 121 -4.90 6.52 10.00
N PHE B 122 -5.70 6.19 9.00
CA PHE B 122 -6.64 5.08 9.12
C PHE B 122 -5.87 3.82 9.48
N GLU B 123 -4.78 3.58 8.76
CA GLU B 123 -3.99 2.36 8.95
C GLU B 123 -3.34 2.36 10.34
N THR B 124 -2.58 3.43 10.62
CA THR B 124 -1.85 3.60 11.88
C THR B 124 -2.66 3.24 13.12
N LEU B 125 -3.91 3.69 13.15
CA LEU B 125 -4.64 3.84 14.41
C LEU B 125 -5.53 2.67 14.78
N SER B 126 -5.58 2.42 16.09
CA SER B 126 -6.40 1.36 16.65
C SER B 126 -7.86 1.79 16.64
N PRO B 127 -8.75 0.94 16.10
CA PRO B 127 -10.19 1.13 16.23
C PRO B 127 -10.62 1.81 17.51
N GLU B 128 -10.00 1.46 18.63
CA GLU B 128 -10.37 2.01 19.92
C GLU B 128 -10.00 3.51 20.04
N GLU B 129 -8.82 3.89 19.52
CA GLU B 129 -8.36 5.29 19.57
C GLU B 129 -8.87 6.12 18.37
N LEU B 130 -9.44 5.44 17.37
CA LEU B 130 -10.30 6.08 16.38
C LEU B 130 -11.55 6.70 17.05
N VAL B 131 -12.12 6.06 18.09
CA VAL B 131 -13.31 6.64 18.74
C VAL B 131 -12.93 7.76 19.74
N ALA B 132 -11.72 7.72 20.30
CA ALA B 132 -11.22 8.88 21.06
C ALA B 132 -11.06 10.12 20.14
N CYS B 133 -10.55 9.89 18.91
CA CYS B 133 -10.39 10.94 17.88
C CYS B 133 -11.70 11.70 17.62
N VAL B 134 -12.80 10.96 17.67
CA VAL B 134 -14.07 11.53 17.33
C VAL B 134 -14.96 11.81 18.53
N ALA B 135 -14.53 11.41 19.73
CA ALA B 135 -15.44 11.48 20.86
C ALA B 135 -16.00 12.90 20.99
N LYS B 136 -15.11 13.89 20.98
CA LYS B 136 -15.50 15.31 21.08
C LYS B 136 -16.65 15.75 20.16
N LEU B 137 -16.94 14.98 19.10
CA LEU B 137 -18.07 15.21 18.20
C LEU B 137 -19.44 14.80 18.78
N GLY B 138 -19.41 14.06 19.89
CA GLY B 138 -20.63 13.42 20.43
C GLY B 138 -21.31 12.42 19.50
N LEU B 139 -22.64 12.35 19.63
CA LEU B 139 -23.42 11.32 18.94
C LEU B 139 -24.80 11.79 18.58
N PRO B 140 -25.34 11.30 17.48
CA PRO B 140 -24.73 10.45 16.46
C PRO B 140 -23.83 11.23 15.45
N LEU B 141 -23.27 10.50 14.48
CA LEU B 141 -22.39 11.05 13.46
C LEU B 141 -22.72 10.53 12.06
N ILE B 142 -22.22 11.28 11.06
CA ILE B 142 -22.17 10.86 9.67
C ILE B 142 -20.71 10.69 9.27
N VAL B 143 -20.48 9.64 8.51
CA VAL B 143 -19.19 9.29 8.00
C VAL B 143 -19.33 9.24 6.48
N LYS B 144 -18.51 10.00 5.76
CA LYS B 144 -18.57 9.98 4.28
C LYS B 144 -17.21 10.20 3.62
N PRO B 145 -17.06 9.72 2.38
CA PRO B 145 -15.84 10.02 1.64
C PRO B 145 -15.73 11.53 1.31
N SER B 146 -14.50 11.98 1.04
CA SER B 146 -14.27 13.38 0.75
C SER B 146 -14.82 13.78 -0.63
N HIS B 147 -14.86 12.84 -1.57
CA HIS B 147 -15.58 13.03 -2.85
C HIS B 147 -16.85 12.14 -2.91
N SER B 151 -24.09 9.94 -4.33
CA SER B 151 -23.03 9.64 -3.37
C SER B 151 -22.81 8.12 -3.25
N VAL B 152 -21.85 7.73 -2.41
CA VAL B 152 -21.45 6.34 -2.20
C VAL B 152 -21.01 6.25 -0.73
N GLY B 153 -20.78 5.04 -0.23
CA GLY B 153 -20.02 4.85 1.00
C GLY B 153 -20.36 5.77 2.16
N MET B 154 -21.59 6.30 2.14
CA MET B 154 -22.03 7.25 3.13
C MET B 154 -22.76 6.47 4.22
N SER B 155 -22.68 6.91 5.47
CA SER B 155 -23.24 6.12 6.56
C SER B 155 -23.58 6.91 7.83
N LYS B 156 -24.62 6.48 8.53
CA LYS B 156 -24.97 7.06 9.83
C LYS B 156 -24.52 6.17 10.99
N VAL B 157 -24.10 6.81 12.07
CA VAL B 157 -23.57 6.10 13.22
C VAL B 157 -24.28 6.59 14.51
N ASP B 158 -24.76 5.63 15.33
CA ASP B 158 -25.51 5.94 16.58
C ASP B 158 -24.75 5.73 17.90
N HIS B 159 -23.75 4.86 17.86
CA HIS B 159 -22.76 4.76 18.92
C HIS B 159 -21.48 4.13 18.42
N ALA B 160 -20.42 4.31 19.21
CA ALA B 160 -19.05 3.92 18.86
C ALA B 160 -18.87 2.53 18.17
N SER B 161 -19.39 1.45 18.77
CA SER B 161 -19.26 0.09 18.19
C SER B 161 -19.47 0.10 16.67
N GLU B 162 -20.42 0.92 16.21
CA GLU B 162 -20.80 1.00 14.79
C GLU B 162 -19.73 1.67 13.87
N LEU B 163 -18.90 2.54 14.47
CA LEU B 163 -17.97 3.42 13.71
C LEU B 163 -17.03 2.70 12.76
N GLN B 164 -16.26 1.76 13.28
CA GLN B 164 -15.19 1.19 12.49
C GLN B 164 -15.72 0.60 11.19
N LYS B 165 -16.96 0.11 11.21
CA LYS B 165 -17.60 -0.47 10.02
C LYS B 165 -17.75 0.54 8.89
N ALA B 166 -18.40 1.65 9.24
CA ALA B 166 -18.59 2.75 8.32
C ALA B 166 -17.24 3.25 7.77
N LEU B 167 -16.18 3.19 8.58
CA LEU B 167 -14.83 3.63 8.15
C LEU B 167 -14.15 2.71 7.13
N VAL B 168 -14.54 1.43 7.07
CA VAL B 168 -13.94 0.51 6.09
C VAL B 168 -14.65 0.67 4.74
N GLU B 169 -15.98 0.78 4.80
CA GLU B 169 -16.68 1.47 3.73
C GLU B 169 -16.01 2.85 3.83
N ALA B 170 -16.26 3.77 2.90
CA ALA B 170 -15.53 5.04 2.86
C ALA B 170 -14.12 4.92 2.22
N PHE B 171 -13.17 4.23 2.85
CA PHE B 171 -11.83 4.04 2.27
C PHE B 171 -11.84 2.96 1.20
N GLN B 172 -12.10 3.36 -0.06
CA GLN B 172 -12.23 2.42 -1.19
C GLN B 172 -11.08 2.58 -2.20
N ASP B 174 -10.22 6.43 -2.01
CA ASP B 174 -10.71 7.58 -1.26
C ASP B 174 -9.79 7.87 -0.04
N SER B 175 -8.65 8.51 -0.27
CA SER B 175 -7.66 8.78 0.79
C SER B 175 -8.17 9.71 1.89
N ASP B 176 -9.16 10.54 1.55
CA ASP B 176 -9.82 11.41 2.52
C ASP B 176 -11.28 10.98 2.80
N VAL B 177 -11.58 10.94 4.10
CA VAL B 177 -12.88 10.62 4.59
C VAL B 177 -13.21 11.62 5.67
N LEU B 178 -14.50 11.91 5.78
CA LEU B 178 -14.99 12.88 6.73
C LEU B 178 -15.93 12.24 7.70
N ILE B 179 -15.83 12.67 8.95
CA ILE B 179 -16.62 12.20 10.07
C ILE B 179 -17.17 13.43 10.73
N GLU B 180 -18.46 13.69 10.62
CA GLU B 180 -19.01 14.93 11.19
C GLU B 180 -20.18 14.69 12.13
N LYS B 181 -20.43 15.65 13.05
CA LYS B 181 -21.61 15.65 13.90
C LYS B 181 -22.88 15.54 13.04
N TRP B 182 -23.84 14.70 13.45
CA TRP B 182 -25.12 14.57 12.70
C TRP B 182 -25.98 15.77 13.06
N LEU B 183 -26.60 16.37 12.05
CA LEU B 183 -27.42 17.55 12.22
C LEU B 183 -28.90 17.13 12.03
N SER B 184 -29.78 17.74 12.81
CA SER B 184 -31.20 17.37 12.82
C SER B 184 -31.89 17.64 11.48
N GLY B 185 -31.56 18.74 10.85
CA GLY B 185 -32.37 19.20 9.74
C GLY B 185 -33.28 20.29 10.27
N PRO B 186 -34.16 20.79 9.41
CA PRO B 186 -34.29 20.42 8.02
C PRO B 186 -33.14 20.88 7.13
N GLU B 187 -33.19 20.40 5.90
CA GLU B 187 -32.28 20.82 4.86
C GLU B 187 -32.95 21.84 3.98
N PHE B 188 -32.18 22.81 3.55
CA PHE B 188 -32.62 23.82 2.61
C PHE B 188 -31.62 23.98 1.45
N THR B 189 -32.06 24.61 0.38
CA THR B 189 -31.20 24.93 -0.74
C THR B 189 -31.52 26.33 -1.22
N VAL B 190 -30.46 27.05 -1.60
CA VAL B 190 -30.54 28.41 -1.98
C VAL B 190 -29.89 28.57 -3.32
N ALA B 191 -30.70 28.91 -4.30
CA ALA B 191 -30.19 29.11 -5.64
C ALA B 191 -29.66 30.55 -5.76
N ILE B 192 -28.59 30.68 -6.52
CA ILE B 192 -27.98 31.97 -6.77
C ILE B 192 -27.88 32.22 -8.27
N LEU B 193 -28.27 33.42 -8.68
CA LEU B 193 -28.26 33.79 -10.08
C LEU B 193 -27.51 35.08 -10.22
N GLY B 194 -26.30 34.98 -10.73
CA GLY B 194 -25.43 36.13 -10.70
C GLY B 194 -25.16 36.60 -9.27
N ASP B 195 -25.57 37.81 -8.98
CA ASP B 195 -25.40 38.35 -7.66
C ASP B 195 -26.66 38.13 -6.83
N GLU B 196 -27.77 37.65 -7.43
CA GLU B 196 -29.05 37.64 -6.79
C GLU B 196 -29.27 36.29 -6.10
N VAL B 197 -29.82 36.34 -4.87
CA VAL B 197 -30.16 35.17 -4.13
C VAL B 197 -31.67 34.91 -4.31
N LEU B 198 -32.04 33.68 -4.61
CA LEU B 198 -33.46 33.36 -4.90
C LEU B 198 -34.08 32.73 -3.63
N PRO B 199 -35.41 32.59 -3.57
CA PRO B 199 -36.08 32.10 -2.37
C PRO B 199 -35.61 30.71 -2.04
N SER B 200 -35.37 30.44 -0.78
CA SER B 200 -34.96 29.16 -0.38
C SER B 200 -36.07 28.13 -0.44
N ILE B 201 -35.65 26.87 -0.47
CA ILE B 201 -36.53 25.74 -0.61
C ILE B 201 -36.19 24.69 0.45
N ARG B 202 -37.20 24.25 1.18
CA ARG B 202 -36.96 23.22 2.18
C ARG B 202 -37.20 21.90 1.52
N ILE B 203 -36.35 20.97 1.88
CA ILE B 203 -36.31 19.66 1.31
C ILE B 203 -36.58 18.69 2.46
N GLN B 204 -37.60 17.84 2.30
CA GLN B 204 -37.82 16.63 3.15
C GLN B 204 -37.55 15.41 2.27
N PRO B 205 -36.54 14.62 2.64
CA PRO B 205 -36.30 13.38 1.89
C PRO B 205 -37.11 12.20 2.47
N PRO B 206 -37.42 11.19 1.63
CA PRO B 206 -38.30 10.11 2.07
C PRO B 206 -37.76 9.28 3.21
N GLY B 207 -36.67 9.74 3.87
CA GLY B 207 -36.22 9.23 5.18
C GLY B 207 -34.72 8.98 5.41
N VAL B 208 -33.95 10.04 5.76
CA VAL B 208 -32.58 9.98 6.41
C VAL B 208 -31.48 10.77 5.65
N PHE B 209 -31.16 10.34 4.43
CA PHE B 209 -30.19 11.00 3.57
C PHE B 209 -31.00 11.62 2.45
N TYR B 210 -30.66 12.86 2.10
CA TYR B 210 -31.02 13.40 0.78
C TYR B 210 -29.85 13.16 -0.20
N ASP B 211 -29.62 11.88 -0.50
CA ASP B 211 -28.45 11.42 -1.26
C ASP B 211 -28.79 11.39 -2.77
N TYR B 212 -28.02 10.64 -3.56
CA TYR B 212 -28.26 10.46 -5.02
C TYR B 212 -29.54 9.70 -5.36
N ASP B 213 -29.84 8.72 -4.50
CA ASP B 213 -31.03 7.90 -4.62
C ASP B 213 -32.33 8.76 -4.48
N ALA B 214 -32.37 9.65 -3.49
CA ALA B 214 -33.51 10.57 -3.28
C ALA B 214 -33.54 11.77 -4.25
N LYS B 215 -32.44 12.02 -4.98
CA LYS B 215 -32.45 12.80 -6.25
C LYS B 215 -32.58 11.85 -7.45
N LEU B 217 -34.12 7.87 -7.94
CA LEU B 217 -35.19 8.56 -8.65
C LEU B 217 -36.53 8.52 -7.87
N SER B 218 -36.49 8.77 -6.56
CA SER B 218 -37.70 8.64 -5.71
C SER B 218 -38.70 9.75 -6.00
N ASP B 219 -39.92 9.35 -6.36
CA ASP B 219 -41.05 10.27 -6.59
C ASP B 219 -41.63 10.77 -5.25
N LYS B 220 -40.90 10.53 -4.16
CA LYS B 220 -41.32 10.82 -2.79
C LYS B 220 -40.82 12.15 -2.27
N THR B 221 -39.55 12.43 -2.52
CA THR B 221 -38.91 13.63 -1.98
C THR B 221 -39.81 14.83 -2.21
N GLN B 222 -40.03 15.61 -1.15
CA GLN B 222 -40.86 16.80 -1.25
C GLN B 222 -40.06 18.05 -0.96
N TYR B 223 -40.33 19.07 -1.78
CA TYR B 223 -39.81 20.41 -1.65
C TYR B 223 -40.89 21.40 -1.27
N PHE B 224 -40.56 22.33 -0.39
CA PHE B 224 -41.44 23.40 -0.01
C PHE B 224 -40.80 24.77 -0.29
N CYS B 225 -41.51 25.60 -1.02
CA CYS B 225 -41.06 26.91 -1.41
C CYS B 225 -42.32 27.77 -1.55
N PRO B 226 -42.59 28.69 -0.60
CA PRO B 226 -41.66 29.13 0.44
C PRO B 226 -41.31 28.02 1.42
N SER B 227 -40.11 28.16 1.98
CA SER B 227 -39.55 27.14 2.80
C SER B 227 -40.26 27.03 4.14
N GLY B 228 -40.92 28.09 4.58
CA GLY B 228 -41.51 28.07 5.91
C GLY B 228 -40.75 28.78 7.02
N LEU B 229 -39.49 29.15 6.74
CA LEU B 229 -38.67 29.97 7.64
C LEU B 229 -39.31 31.35 7.85
N SER B 230 -39.08 31.88 9.04
CA SER B 230 -39.45 33.25 9.34
C SER B 230 -38.70 34.23 8.46
N ASP B 231 -39.19 35.44 8.33
CA ASP B 231 -38.54 36.42 7.48
C ASP B 231 -37.07 36.58 7.86
N GLU B 232 -36.77 36.63 9.17
CA GLU B 232 -35.40 36.89 9.63
C GLU B 232 -34.47 35.72 9.38
N SER B 233 -34.97 34.51 9.64
CA SER B 233 -34.22 33.32 9.29
C SER B 233 -33.90 33.28 7.77
N GLU B 234 -34.85 33.65 6.92
CA GLU B 234 -34.61 33.73 5.46
C GLU B 234 -33.48 34.70 5.09
N GLN B 235 -33.50 35.91 5.63
CA GLN B 235 -32.45 36.90 5.35
C GLN B 235 -31.08 36.40 5.82
N GLN B 236 -30.99 35.81 7.00
CA GLN B 236 -29.70 35.23 7.45
C GLN B 236 -29.18 34.13 6.52
N LEU B 237 -30.09 33.28 6.08
CA LEU B 237 -29.77 32.18 5.20
C LEU B 237 -29.35 32.69 3.83
N ALA B 238 -30.02 33.71 3.34
CA ALA B 238 -29.70 34.31 2.07
C ALA B 238 -28.31 34.89 2.09
N ALA B 239 -27.99 35.64 3.14
CA ALA B 239 -26.64 36.26 3.25
C ALA B 239 -25.51 35.23 3.44
N LEU B 240 -25.80 34.22 4.23
CA LEU B 240 -24.90 33.13 4.42
C LEU B 240 -24.58 32.35 3.08
N ALA B 241 -25.62 32.00 2.32
CA ALA B 241 -25.46 31.30 1.07
C ALA B 241 -24.57 32.05 0.08
N LEU B 242 -24.82 33.34 0.00
CA LEU B 242 -24.07 34.21 -0.87
C LEU B 242 -22.60 34.23 -0.48
N GLN B 243 -22.35 34.39 0.81
CA GLN B 243 -21.01 34.31 1.34
C GLN B 243 -20.35 32.99 1.01
N ALA B 244 -21.07 31.90 1.15
CA ALA B 244 -20.53 30.57 0.96
C ALA B 244 -20.16 30.32 -0.52
N TYR B 245 -20.99 30.87 -1.39
CA TYR B 245 -20.78 30.82 -2.81
C TYR B 245 -19.56 31.64 -3.25
N HIS B 246 -19.47 32.88 -2.79
CA HIS B 246 -18.29 33.72 -3.09
C HIS B 246 -17.03 33.20 -2.47
N ALA B 247 -17.15 32.61 -1.28
CA ALA B 247 -16.03 31.94 -0.65
C ALA B 247 -15.32 30.94 -1.57
N LEU B 248 -16.08 30.24 -2.40
CA LEU B 248 -15.45 29.21 -3.19
C LEU B 248 -15.17 29.65 -4.62
N ASP B 249 -15.34 30.95 -4.87
CA ASP B 249 -15.06 31.55 -6.19
C ASP B 249 -16.04 31.13 -7.26
N CYS B 250 -17.27 30.81 -6.87
CA CYS B 250 -18.33 30.50 -7.79
C CYS B 250 -18.79 31.72 -8.56
N SER B 251 -19.26 31.51 -9.78
CA SER B 251 -19.87 32.57 -10.56
C SER B 251 -20.91 32.04 -11.55
N GLY B 252 -21.66 32.98 -12.13
CA GLY B 252 -22.77 32.72 -13.00
C GLY B 252 -24.05 32.29 -12.28
N TRP B 253 -24.04 31.08 -11.77
CA TRP B 253 -25.14 30.55 -11.02
C TRP B 253 -24.72 29.27 -10.30
N GLY B 254 -25.55 28.85 -9.37
CA GLY B 254 -25.27 27.68 -8.61
C GLY B 254 -26.35 27.49 -7.53
N ARG B 255 -26.12 26.53 -6.65
CA ARG B 255 -27.08 26.23 -5.63
C ARG B 255 -26.28 25.90 -4.41
N VAL B 256 -26.63 26.53 -3.30
CA VAL B 256 -25.93 26.30 -2.03
C VAL B 256 -26.84 25.48 -1.13
N ASP B 257 -26.34 24.37 -0.62
CA ASP B 257 -27.12 23.48 0.22
C ASP B 257 -26.70 23.68 1.65
N VAL B 258 -27.66 23.63 2.54
CA VAL B 258 -27.48 24.04 3.92
C VAL B 258 -28.38 23.21 4.86
N MET B 259 -27.89 22.97 6.07
CA MET B 259 -28.64 22.14 7.01
C MET B 259 -28.85 22.89 8.30
N GLN B 260 -30.07 22.90 8.82
CA GLN B 260 -30.30 23.41 10.15
C GLN B 260 -29.93 22.32 11.16
N ASP B 261 -29.44 22.75 12.32
CA ASP B 261 -29.40 21.91 13.50
C ASP B 261 -30.47 22.29 14.52
N ARG B 262 -30.57 21.48 15.57
CA ARG B 262 -31.51 21.64 16.66
C ARG B 262 -31.52 23.05 17.30
N ASP B 263 -30.33 23.63 17.46
CA ASP B 263 -30.13 25.00 17.92
C ASP B 263 -30.80 26.04 17.04
N GLY B 264 -31.25 25.62 15.84
CA GLY B 264 -31.90 26.51 14.90
C GLY B 264 -30.95 27.20 13.92
N HIS B 265 -29.64 27.08 14.14
CA HIS B 265 -28.61 27.68 13.24
C HIS B 265 -28.36 26.84 11.97
N PHE B 266 -27.88 27.52 10.94
CA PHE B 266 -27.56 26.87 9.68
C PHE B 266 -26.07 26.50 9.54
N TYR B 267 -25.81 25.39 8.87
CA TYR B 267 -24.50 24.83 8.62
C TYR B 267 -24.37 24.53 7.13
N LEU B 268 -23.25 24.94 6.53
CA LEU B 268 -23.04 24.79 5.09
C LEU B 268 -22.66 23.38 4.73
N LEU B 269 -23.30 22.81 3.71
CA LEU B 269 -22.99 21.47 3.30
C LEU B 269 -22.18 21.52 2.02
N GLU B 270 -22.65 22.24 0.99
CA GLU B 270 -21.99 22.16 -0.34
C GLU B 270 -22.57 23.17 -1.31
N VAL B 271 -21.81 23.39 -2.39
CA VAL B 271 -22.31 24.18 -3.52
C VAL B 271 -22.32 23.34 -4.79
N ASN B 272 -23.44 23.39 -5.51
CA ASN B 272 -23.56 22.64 -6.74
C ASN B 272 -23.37 23.62 -7.86
N THR B 273 -22.42 23.32 -8.71
CA THR B 273 -22.06 24.25 -9.76
C THR B 273 -22.66 23.95 -11.13
N SER B 274 -23.50 22.91 -11.24
CA SER B 274 -24.34 22.76 -12.48
C SER B 274 -25.68 22.11 -12.19
N PRO B 275 -26.57 22.87 -11.55
CA PRO B 275 -27.76 22.26 -11.01
C PRO B 275 -28.70 21.73 -12.07
N GLY B 276 -29.54 20.78 -11.63
CA GLY B 276 -30.67 20.27 -12.39
C GLY B 276 -31.50 21.40 -12.95
N MET B 277 -31.90 21.27 -14.22
CA MET B 277 -32.84 22.22 -14.84
C MET B 277 -34.06 21.51 -15.45
N THR B 278 -34.54 20.45 -14.82
CA THR B 278 -35.83 19.88 -15.23
C THR B 278 -36.93 20.73 -14.66
N SER B 279 -38.05 20.80 -15.36
CA SER B 279 -39.27 21.45 -14.85
C SER B 279 -39.59 21.04 -13.39
N HIS B 280 -39.23 19.83 -13.00
CA HIS B 280 -39.32 19.40 -11.61
C HIS B 280 -38.10 19.79 -10.68
N SER B 281 -37.10 20.48 -11.21
CA SER B 281 -35.85 20.69 -10.44
C SER B 281 -35.82 21.95 -9.52
N LEU B 282 -34.87 22.00 -8.61
CA LEU B 282 -34.82 23.05 -7.55
C LEU B 282 -34.60 24.49 -8.06
N VAL B 283 -33.61 24.73 -8.91
CA VAL B 283 -33.38 26.09 -9.36
C VAL B 283 -34.62 26.65 -10.09
N PRO B 284 -35.22 25.90 -11.02
CA PRO B 284 -36.47 26.39 -11.68
C PRO B 284 -37.58 26.62 -10.70
N MET B 285 -37.71 25.72 -9.75
CA MET B 285 -38.67 25.97 -8.68
C MET B 285 -38.39 27.30 -7.97
N ALA B 286 -37.13 27.59 -7.62
CA ALA B 286 -36.87 28.80 -6.84
C ALA B 286 -37.07 30.02 -7.71
N ALA B 287 -36.72 29.89 -8.97
CA ALA B 287 -36.77 31.00 -9.90
C ALA B 287 -38.22 31.43 -10.17
N ARG B 288 -39.13 30.46 -10.17
CA ARG B 288 -40.56 30.74 -10.40
C ARG B 288 -41.17 31.49 -9.24
N GLN B 289 -40.93 30.97 -8.05
CA GLN B 289 -41.22 31.70 -6.79
C GLN B 289 -40.62 33.10 -6.76
N TYR B 290 -39.40 33.26 -7.26
CA TYR B 290 -38.83 34.59 -7.39
C TYR B 290 -39.46 35.48 -8.48
N GLY B 291 -40.23 34.93 -9.39
CA GLY B 291 -40.96 35.76 -10.37
C GLY B 291 -40.44 35.60 -11.79
N LEU B 292 -39.48 34.69 -12.03
CA LEU B 292 -38.99 34.44 -13.39
C LEU B 292 -39.61 33.22 -14.02
N SER B 293 -39.90 33.32 -15.31
CA SER B 293 -40.25 32.12 -16.07
C SER B 293 -38.98 31.35 -16.35
N PHE B 294 -39.15 30.09 -16.72
CA PHE B 294 -38.06 29.22 -17.03
C PHE B 294 -37.18 29.87 -18.13
N SER B 295 -37.85 30.38 -19.17
CA SER B 295 -37.18 30.96 -20.31
C SER B 295 -36.31 32.15 -19.92
N GLN B 296 -36.85 33.03 -19.10
CA GLN B 296 -36.06 34.15 -18.58
C GLN B 296 -34.88 33.69 -17.76
N LEU B 297 -35.12 32.70 -16.92
CA LEU B 297 -34.05 32.09 -16.12
C LEU B 297 -32.85 31.68 -16.99
N VAL B 298 -33.11 30.92 -18.06
CA VAL B 298 -32.00 30.43 -18.88
C VAL B 298 -31.42 31.54 -19.72
N ALA B 299 -32.25 32.45 -20.16
CA ALA B 299 -31.65 33.59 -20.90
C ALA B 299 -30.71 34.39 -19.95
N ARG B 300 -31.13 34.53 -18.70
CA ARG B 300 -30.33 35.26 -17.75
C ARG B 300 -29.03 34.49 -17.43
N ILE B 301 -29.09 33.17 -17.23
CA ILE B 301 -27.82 32.38 -17.03
C ILE B 301 -26.85 32.58 -18.18
N LEU B 302 -27.40 32.51 -19.39
CA LEU B 302 -26.58 32.71 -20.56
C LEU B 302 -25.97 34.12 -20.57
N MET B 303 -26.75 35.11 -20.23
CA MET B 303 -26.20 36.48 -20.19
C MET B 303 -25.07 36.60 -19.18
N LEU B 304 -25.11 35.84 -18.09
CA LEU B 304 -24.05 35.87 -17.06
C LEU B 304 -22.78 35.11 -17.43
N ALA B 305 -22.72 34.61 -18.65
CA ALA B 305 -21.47 34.04 -19.19
C ALA B 305 -20.80 35.06 -20.07
N ASP B 306 -19.51 35.26 -19.89
CA ASP B 306 -18.83 36.17 -20.83
C ASP B 306 -17.34 35.83 -20.94
N MET C 1 18.57 10.63 1.14
CA MET C 1 19.06 10.10 -0.19
C MET C 1 18.24 8.97 -0.90
N ALA C 2 18.23 8.99 -2.24
CA ALA C 2 17.58 7.95 -3.04
C ALA C 2 18.14 6.56 -2.78
N GLU C 3 17.25 5.58 -2.64
CA GLU C 3 17.61 4.19 -2.42
C GLU C 3 18.42 3.64 -3.55
N LYS C 4 19.46 2.89 -3.23
CA LYS C 4 20.22 2.18 -4.20
C LYS C 4 19.77 0.74 -4.09
N VAL C 5 19.40 0.15 -5.21
CA VAL C 5 18.80 -1.18 -5.23
C VAL C 5 19.73 -2.14 -5.93
N ALA C 6 20.06 -3.25 -5.29
CA ALA C 6 20.81 -4.33 -5.96
C ALA C 6 19.82 -5.30 -6.56
N VAL C 7 19.95 -5.54 -7.86
CA VAL C 7 19.31 -6.63 -8.54
C VAL C 7 20.27 -7.87 -8.54
N LEU C 8 19.98 -8.83 -7.67
CA LEU C 8 20.77 -10.03 -7.58
C LEU C 8 20.38 -10.93 -8.75
N LEU C 9 21.38 -11.37 -9.48
CA LEU C 9 21.16 -12.12 -10.69
C LEU C 9 22.32 -13.10 -10.92
N GLY C 10 22.06 -14.00 -11.85
CA GLY C 10 22.98 -15.06 -12.23
C GLY C 10 23.14 -16.11 -11.14
N GLY C 11 24.07 -15.87 -10.23
CA GLY C 11 24.37 -16.88 -9.21
C GLY C 11 24.93 -18.20 -9.74
N THR C 12 24.77 -19.25 -8.96
CA THR C 12 25.41 -20.53 -9.31
C THR C 12 24.46 -21.71 -9.37
N SER C 13 23.16 -21.49 -9.26
CA SER C 13 22.24 -22.61 -9.43
C SER C 13 22.28 -23.08 -10.85
N ALA C 14 21.60 -24.19 -11.10
CA ALA C 14 21.44 -24.69 -12.45
C ALA C 14 20.64 -23.72 -13.33
N GLU C 15 19.82 -22.86 -12.70
CA GLU C 15 19.06 -21.83 -13.44
C GLU C 15 19.84 -20.49 -13.77
N ARG C 16 21.14 -20.49 -13.53
CA ARG C 16 21.97 -19.29 -13.80
C ARG C 16 21.59 -18.47 -15.04
N GLU C 17 21.48 -19.16 -16.17
CA GLU C 17 21.29 -18.47 -17.44
C GLU C 17 19.93 -17.80 -17.50
N VAL C 18 18.94 -18.44 -16.93
CA VAL C 18 17.63 -17.86 -16.82
C VAL C 18 17.72 -16.63 -15.94
N SER C 19 18.35 -16.74 -14.76
CA SER C 19 18.47 -15.66 -13.82
C SER C 19 19.26 -14.48 -14.45
N LEU C 20 20.29 -14.73 -15.25
CA LEU C 20 20.91 -13.61 -16.00
C LEU C 20 19.92 -12.80 -16.82
N LEU C 21 19.02 -13.50 -17.51
CA LEU C 21 18.02 -12.87 -18.32
C LEU C 21 16.89 -12.21 -17.49
N SER C 22 16.42 -12.85 -16.43
CA SER C 22 15.51 -12.18 -15.50
C SER C 22 16.15 -10.85 -14.97
N GLY C 23 17.40 -10.96 -14.47
CA GLY C 23 18.07 -9.87 -13.86
C GLY C 23 18.17 -8.71 -14.85
N GLN C 24 18.49 -9.04 -16.08
CA GLN C 24 18.70 -8.05 -17.12
C GLN C 24 17.40 -7.37 -17.42
N ALA C 25 16.33 -8.12 -17.44
CA ALA C 25 15.09 -7.50 -17.78
C ALA C 25 14.63 -6.69 -16.60
N VAL C 26 14.85 -7.22 -15.40
CA VAL C 26 14.43 -6.45 -14.25
C VAL C 26 15.19 -5.12 -14.20
N LEU C 27 16.51 -5.13 -14.45
CA LEU C 27 17.27 -3.84 -14.46
C LEU C 27 16.70 -2.86 -15.44
N ALA C 28 16.38 -3.31 -16.67
CA ALA C 28 15.84 -2.40 -17.66
C ALA C 28 14.50 -1.83 -17.23
N GLY C 29 13.69 -2.66 -16.57
CA GLY C 29 12.39 -2.20 -16.12
C GLY C 29 12.55 -1.18 -15.00
N LEU C 30 13.50 -1.40 -14.13
CA LEU C 30 13.66 -0.48 -13.02
C LEU C 30 14.25 0.85 -13.47
N LYS C 31 15.16 0.77 -14.44
CA LYS C 31 15.79 1.97 -15.05
C LYS C 31 14.74 2.91 -15.64
N GLU C 32 13.86 2.28 -16.39
CA GLU C 32 12.72 2.88 -16.96
C GLU C 32 11.67 3.47 -15.96
N ALA C 33 11.63 2.94 -14.74
CA ALA C 33 10.88 3.53 -13.63
C ALA C 33 11.67 4.61 -12.87
N GLY C 34 12.91 4.83 -13.29
CA GLY C 34 13.73 5.83 -12.64
C GLY C 34 14.32 5.41 -11.30
N ILE C 35 14.43 4.11 -11.04
CA ILE C 35 14.90 3.55 -9.76
C ILE C 35 16.39 3.37 -9.91
N ASP C 36 17.16 3.75 -8.90
CA ASP C 36 18.64 3.66 -9.00
C ASP C 36 19.12 2.23 -8.75
N ALA C 37 19.19 1.40 -9.79
CA ALA C 37 19.37 -0.03 -9.64
C ALA C 37 20.63 -0.51 -10.30
N TYR C 38 21.26 -1.53 -9.71
CA TYR C 38 22.54 -2.01 -10.16
C TYR C 38 22.56 -3.55 -10.16
N GLY C 39 23.02 -4.15 -11.24
CA GLY C 39 23.03 -5.60 -11.38
C GLY C 39 24.21 -6.15 -10.59
N VAL C 40 23.96 -7.16 -9.76
CA VAL C 40 24.98 -7.79 -8.99
C VAL C 40 24.91 -9.28 -9.32
N ASP C 41 25.86 -9.75 -10.11
CA ASP C 41 26.01 -11.16 -10.38
C ASP C 41 26.64 -11.79 -9.15
N THR C 42 25.85 -12.59 -8.43
CA THR C 42 26.27 -13.09 -7.13
C THR C 42 27.28 -14.24 -7.23
N LYS C 43 27.62 -14.65 -8.45
CA LYS C 43 28.69 -15.63 -8.67
C LYS C 43 30.01 -14.94 -8.39
N ASP C 44 30.08 -13.65 -8.72
CA ASP C 44 31.30 -12.85 -8.51
C ASP C 44 31.29 -12.01 -7.26
N PHE C 45 30.14 -11.78 -6.68
CA PHE C 45 30.00 -10.81 -5.59
C PHE C 45 29.27 -11.44 -4.42
N PRO C 46 29.90 -11.46 -3.25
CA PRO C 46 29.26 -12.16 -2.13
C PRO C 46 28.13 -11.28 -1.63
N VAL C 47 26.97 -11.91 -1.46
CA VAL C 47 25.79 -11.20 -1.10
C VAL C 47 25.90 -10.70 0.29
N THR C 48 26.84 -11.28 0.96
CA THR C 48 27.17 -10.96 2.31
C THR C 48 27.74 -9.50 2.43
N GLN C 49 28.30 -8.96 1.34
CA GLN C 49 28.82 -7.58 1.31
C GLN C 49 27.87 -6.52 0.74
N LEU C 50 26.56 -6.80 0.67
CA LEU C 50 25.68 -5.85 -0.01
C LEU C 50 25.47 -4.59 0.82
N LYS C 51 25.42 -4.69 2.14
CA LYS C 51 25.27 -3.50 3.00
C LYS C 51 26.53 -2.67 2.98
N GLU C 52 27.68 -3.33 3.11
CA GLU C 52 28.97 -2.66 3.01
C GLU C 52 29.02 -1.85 1.73
N GLN C 53 28.48 -2.40 0.66
CA GLN C 53 28.66 -1.80 -0.64
C GLN C 53 27.70 -0.61 -0.80
N GLY C 54 26.85 -0.40 0.20
CA GLY C 54 25.96 0.76 0.22
C GLY C 54 24.58 0.55 -0.41
N PHE C 55 24.13 -0.70 -0.61
CA PHE C 55 22.77 -0.92 -1.04
C PHE C 55 21.79 -0.75 0.09
N ASP C 56 20.62 -0.18 -0.23
CA ASP C 56 19.54 0.03 0.73
C ASP C 56 18.42 -1.01 0.58
N LYS C 57 18.35 -1.60 -0.59
CA LYS C 57 17.20 -2.48 -0.93
C LYS C 57 17.66 -3.52 -1.95
N VAL C 58 17.11 -4.72 -1.88
CA VAL C 58 17.47 -5.81 -2.77
C VAL C 58 16.32 -6.36 -3.61
N PHE C 59 16.51 -6.41 -4.91
CA PHE C 59 15.60 -7.10 -5.77
C PHE C 59 16.19 -8.45 -6.14
N ILE C 60 15.48 -9.52 -5.76
CA ILE C 60 15.96 -10.86 -6.00
C ILE C 60 15.42 -11.42 -7.29
N ALA C 61 16.31 -11.58 -8.25
CA ALA C 61 16.00 -12.18 -9.50
C ALA C 61 16.83 -13.46 -9.73
N LEU C 62 17.32 -14.02 -8.61
CA LEU C 62 17.98 -15.34 -8.61
C LEU C 62 16.90 -16.43 -8.60
N HIS C 63 17.22 -17.61 -9.13
CA HIS C 63 16.25 -18.74 -9.08
C HIS C 63 16.95 -20.02 -8.59
N GLY C 64 16.18 -20.90 -7.98
CA GLY C 64 16.68 -22.19 -7.52
C GLY C 64 17.59 -22.03 -6.31
N ARG C 65 18.47 -22.98 -6.16
CA ARG C 65 19.26 -23.13 -4.98
C ARG C 65 20.04 -21.81 -4.65
N GLY C 66 20.05 -21.44 -3.39
CA GLY C 66 20.73 -20.21 -2.97
C GLY C 66 19.96 -18.92 -3.35
N GLY C 67 18.78 -19.04 -3.98
CA GLY C 67 18.04 -17.89 -4.42
C GLY C 67 16.64 -17.84 -3.83
N GLU C 68 15.96 -18.97 -3.86
CA GLU C 68 14.57 -19.04 -3.48
C GLU C 68 14.27 -20.04 -2.36
N ASP C 69 15.33 -20.44 -1.65
CA ASP C 69 15.27 -21.50 -0.63
C ASP C 69 15.46 -21.06 0.79
N GLY C 70 15.48 -19.75 1.05
CA GLY C 70 15.60 -19.24 2.44
C GLY C 70 17.01 -18.86 2.84
N THR C 71 18.01 -19.39 2.14
CA THR C 71 19.35 -19.11 2.55
C THR C 71 19.72 -17.65 2.30
N LEU C 72 19.53 -17.20 1.09
CA LEU C 72 19.71 -15.84 0.76
C LEU C 72 18.83 -14.93 1.64
N GLN C 73 17.59 -15.30 1.84
CA GLN C 73 16.76 -14.46 2.65
C GLN C 73 17.36 -14.31 4.06
N GLY C 74 17.94 -15.35 4.58
CA GLY C 74 18.53 -15.29 5.87
C GLY C 74 19.64 -14.29 5.93
N VAL C 75 20.51 -14.31 4.93
CA VAL C 75 21.59 -13.34 4.83
C VAL C 75 21.06 -11.94 4.82
N LEU C 76 20.03 -11.70 4.02
CA LEU C 76 19.50 -10.34 3.89
C LEU C 76 18.84 -9.91 5.20
N GLU C 77 18.18 -10.81 5.90
CA GLU C 77 17.66 -10.51 7.24
C GLU C 77 18.78 -10.17 8.18
N PHE C 78 19.89 -10.93 8.10
CA PHE C 78 20.99 -10.69 9.01
C PHE C 78 21.47 -9.24 8.77
N LEU C 79 21.57 -8.86 7.50
CA LEU C 79 22.05 -7.55 7.10
C LEU C 79 21.02 -6.46 7.26
N GLN C 80 19.78 -6.85 7.53
CA GLN C 80 18.68 -5.92 7.71
C GLN C 80 18.34 -5.09 6.47
N LEU C 81 18.50 -5.70 5.31
CA LEU C 81 18.08 -5.07 4.06
C LEU C 81 16.72 -5.57 3.68
N PRO C 82 15.83 -4.65 3.34
CA PRO C 82 14.56 -5.14 2.81
C PRO C 82 14.80 -5.76 1.42
N TYR C 83 13.93 -6.68 1.06
CA TYR C 83 14.18 -7.49 -0.11
C TYR C 83 12.87 -7.95 -0.65
N THR C 84 12.86 -8.28 -1.92
CA THR C 84 11.62 -8.68 -2.54
C THR C 84 11.25 -10.15 -2.27
N GLY C 85 9.96 -10.45 -2.44
CA GLY C 85 9.46 -11.81 -2.32
C GLY C 85 9.39 -12.22 -0.88
N SER C 86 9.20 -13.53 -0.69
CA SER C 86 8.90 -14.10 0.60
C SER C 86 10.11 -14.18 1.52
N GLY C 87 9.81 -14.23 2.82
CA GLY C 87 10.74 -14.37 3.87
C GLY C 87 11.37 -15.76 3.97
N VAL C 88 12.14 -15.90 5.03
CA VAL C 88 12.98 -17.09 5.22
C VAL C 88 12.18 -18.39 5.26
N MET C 89 11.20 -18.40 6.14
CA MET C 89 10.44 -19.57 6.41
C MET C 89 9.63 -19.98 5.15
N ALA C 90 8.85 -19.05 4.60
CA ALA C 90 8.13 -19.36 3.37
C ALA C 90 9.07 -19.74 2.22
N SER C 91 10.20 -19.05 2.06
CA SER C 91 11.09 -19.44 0.94
C SER C 91 11.56 -20.91 1.05
N ALA C 92 12.00 -21.27 2.26
CA ALA C 92 12.49 -22.62 2.54
C ALA C 92 11.37 -23.66 2.51
N LEU C 93 10.25 -23.31 3.13
CA LEU C 93 9.13 -24.25 3.20
C LEU C 93 8.64 -24.60 1.81
N THR C 94 8.56 -23.64 0.90
CA THR C 94 8.09 -23.97 -0.47
C THR C 94 9.00 -24.91 -1.28
N MET C 95 10.26 -25.10 -0.85
CA MET C 95 11.12 -26.09 -1.52
C MET C 95 10.85 -27.50 -1.03
N ASP C 96 10.10 -27.64 0.09
CA ASP C 96 9.85 -28.98 0.68
C ASP C 96 8.43 -29.38 0.35
N LYS C 97 8.31 -30.23 -0.65
CA LYS C 97 6.98 -30.63 -1.12
C LYS C 97 6.25 -31.48 -0.11
N LEU C 98 6.94 -32.33 0.64
CA LEU C 98 6.28 -33.03 1.75
C LEU C 98 5.67 -32.01 2.70
N ARG C 99 6.44 -31.13 3.25
CA ARG C 99 5.82 -30.30 4.26
C ARG C 99 4.86 -29.25 3.69
N THR C 100 5.08 -28.81 2.45
CA THR C 100 4.10 -28.00 1.82
C THR C 100 2.75 -28.76 1.81
N LYS C 101 2.77 -30.01 1.33
CA LYS C 101 1.55 -30.75 1.25
C LYS C 101 0.96 -30.90 2.64
N LEU C 102 1.79 -31.10 3.65
CA LEU C 102 1.26 -31.34 5.00
C LEU C 102 0.48 -30.16 5.49
N VAL C 103 1.01 -28.94 5.28
CA VAL C 103 0.35 -27.75 5.74
C VAL C 103 -0.97 -27.57 4.98
N TRP C 104 -0.89 -27.72 3.68
CA TRP C 104 -2.10 -27.57 2.88
C TRP C 104 -3.19 -28.55 3.27
N GLN C 105 -2.86 -29.82 3.54
CA GLN C 105 -3.91 -30.78 3.87
C GLN C 105 -4.51 -30.54 5.27
N ALA C 106 -3.72 -30.12 6.22
CA ALA C 106 -4.23 -29.81 7.54
C ALA C 106 -5.21 -28.67 7.39
N LEU C 107 -5.01 -27.80 6.41
CA LEU C 107 -5.93 -26.70 6.18
C LEU C 107 -7.16 -27.12 5.34
N GLY C 108 -7.25 -28.37 4.88
CA GLY C 108 -8.38 -28.73 4.05
C GLY C 108 -8.20 -28.31 2.58
N LEU C 109 -7.00 -27.92 2.15
CA LEU C 109 -6.78 -27.48 0.77
C LEU C 109 -6.50 -28.72 -0.11
N PRO C 110 -6.99 -28.72 -1.35
CA PRO C 110 -6.94 -29.96 -2.17
C PRO C 110 -5.56 -30.32 -2.71
N ILE C 111 -5.14 -31.58 -2.60
CA ILE C 111 -3.90 -32.05 -3.14
C ILE C 111 -4.07 -33.47 -3.59
N SER C 112 -3.23 -33.91 -4.52
CA SER C 112 -3.44 -35.22 -5.09
C SER C 112 -3.25 -36.22 -3.98
N PRO C 113 -4.03 -37.28 -3.99
CA PRO C 113 -3.65 -38.36 -3.06
C PRO C 113 -2.17 -38.83 -3.25
N TYR C 114 -1.48 -39.08 -2.16
CA TYR C 114 -0.10 -39.49 -2.28
C TYR C 114 0.34 -40.28 -1.06
N VAL C 115 1.48 -40.93 -1.18
CA VAL C 115 2.16 -41.46 -0.03
C VAL C 115 3.59 -41.00 -0.07
N ALA C 116 4.10 -40.69 1.11
CA ALA C 116 5.49 -40.22 1.35
C ALA C 116 6.32 -41.39 1.77
N LEU C 117 7.59 -41.41 1.42
CA LEU C 117 8.49 -42.48 1.77
C LEU C 117 9.89 -41.93 2.04
N ASN C 118 10.52 -42.35 3.14
CA ASN C 118 11.92 -42.04 3.35
C ASN C 118 12.82 -43.25 3.08
N ARG C 119 14.12 -43.03 3.18
CA ARG C 119 15.14 -44.00 2.82
C ARG C 119 15.21 -45.27 3.66
N GLN C 120 14.99 -45.14 4.97
CA GLN C 120 14.92 -46.27 5.87
C GLN C 120 13.71 -47.19 5.54
N GLN C 121 12.57 -46.61 5.16
CA GLN C 121 11.44 -47.44 4.79
C GLN C 121 11.77 -48.09 3.46
N PHE C 122 12.43 -47.36 2.57
CA PHE C 122 12.81 -47.91 1.27
C PHE C 122 13.81 -49.05 1.41
N GLU C 123 14.64 -48.99 2.45
CA GLU C 123 15.63 -50.04 2.64
C GLU C 123 15.04 -51.24 3.42
N THR C 124 13.96 -51.03 4.16
CA THR C 124 13.38 -52.14 4.93
C THR C 124 12.09 -52.71 4.32
N LEU C 125 11.78 -52.35 3.07
CA LEU C 125 10.58 -52.88 2.44
C LEU C 125 10.91 -53.57 1.13
N SER C 126 10.19 -54.63 0.83
CA SER C 126 10.40 -55.38 -0.42
C SER C 126 9.71 -54.63 -1.56
N PRO C 127 10.15 -54.89 -2.77
CA PRO C 127 9.44 -54.32 -3.92
C PRO C 127 7.95 -54.55 -3.86
N GLU C 128 7.56 -55.73 -3.38
CA GLU C 128 6.13 -56.08 -3.32
C GLU C 128 5.44 -55.31 -2.21
N GLU C 129 6.12 -55.04 -1.11
CA GLU C 129 5.48 -54.26 -0.04
C GLU C 129 5.31 -52.83 -0.53
N LEU C 130 6.31 -52.31 -1.22
CA LEU C 130 6.23 -50.98 -1.80
C LEU C 130 5.06 -50.90 -2.77
N VAL C 131 5.00 -51.84 -3.69
CA VAL C 131 3.83 -51.87 -4.57
C VAL C 131 2.58 -51.83 -3.71
N ALA C 132 2.53 -52.61 -2.64
CA ALA C 132 1.28 -52.67 -1.86
C ALA C 132 1.01 -51.38 -1.11
N CYS C 133 2.07 -50.73 -0.63
CA CYS C 133 1.97 -49.40 0.00
C CYS C 133 1.27 -48.36 -0.86
N VAL C 134 1.36 -48.46 -2.18
CA VAL C 134 0.78 -47.41 -3.04
C VAL C 134 -0.41 -47.87 -3.83
N ALA C 135 -0.83 -49.10 -3.58
CA ALA C 135 -1.90 -49.71 -4.43
C ALA C 135 -3.16 -48.89 -4.41
N LYS C 136 -3.42 -48.15 -3.33
CA LYS C 136 -4.63 -47.29 -3.28
C LYS C 136 -4.52 -46.04 -4.13
N LEU C 137 -3.32 -45.69 -4.64
CA LEU C 137 -3.18 -44.53 -5.51
C LEU C 137 -3.59 -44.90 -6.94
N GLY C 138 -3.60 -46.18 -7.27
CA GLY C 138 -3.95 -46.64 -8.63
C GLY C 138 -2.77 -46.44 -9.57
N LEU C 139 -3.04 -46.58 -10.85
CA LEU C 139 -2.00 -46.41 -11.89
C LEU C 139 -2.55 -45.48 -12.93
N PRO C 140 -1.72 -44.58 -13.48
CA PRO C 140 -0.30 -44.51 -13.25
C PRO C 140 0.00 -43.54 -12.09
N LEU C 141 1.28 -43.46 -11.72
CA LEU C 141 1.76 -42.65 -10.62
C LEU C 141 2.88 -41.71 -11.02
N ILE C 142 2.98 -40.58 -10.34
CA ILE C 142 4.20 -39.79 -10.45
C ILE C 142 5.06 -40.07 -9.22
N VAL C 143 6.35 -40.25 -9.44
CA VAL C 143 7.28 -40.48 -8.38
C VAL C 143 8.27 -39.33 -8.49
N LYS C 144 8.58 -38.69 -7.35
CA LYS C 144 9.40 -37.51 -7.32
C LYS C 144 10.13 -37.35 -6.01
N PRO C 145 11.33 -36.78 -6.06
CA PRO C 145 11.95 -36.39 -4.81
C PRO C 145 11.08 -35.39 -4.04
N SER C 146 11.13 -35.44 -2.73
CA SER C 146 10.43 -34.45 -1.95
C SER C 146 10.98 -33.01 -2.05
N HIS C 147 12.26 -32.81 -2.27
CA HIS C 147 12.81 -31.45 -2.34
C HIS C 147 13.00 -30.98 -3.77
N GLU C 148 12.70 -29.70 -3.97
CA GLU C 148 12.91 -29.04 -5.23
C GLU C 148 14.40 -29.16 -5.60
N GLY C 149 14.67 -29.65 -6.81
CA GLY C 149 16.04 -29.72 -7.34
C GLY C 149 16.00 -29.57 -8.86
N SER C 150 15.42 -28.46 -9.34
CA SER C 150 15.34 -28.16 -10.80
C SER C 150 14.67 -29.29 -11.64
N SER C 151 13.55 -29.84 -11.14
CA SER C 151 12.78 -30.92 -11.81
C SER C 151 13.45 -32.30 -12.05
N VAL C 152 14.60 -32.58 -11.45
CA VAL C 152 15.25 -33.92 -11.69
C VAL C 152 14.77 -35.10 -10.83
N GLY C 153 15.05 -36.31 -11.29
CA GLY C 153 14.69 -37.54 -10.58
C GLY C 153 13.21 -37.97 -10.55
N MET C 154 12.36 -37.40 -11.40
CA MET C 154 10.93 -37.77 -11.42
C MET C 154 10.61 -38.83 -12.47
N SER C 155 9.62 -39.72 -12.22
CA SER C 155 9.20 -40.70 -13.24
C SER C 155 7.69 -40.83 -13.30
N LYS C 156 7.15 -41.21 -14.46
CA LYS C 156 5.75 -41.68 -14.57
C LYS C 156 5.84 -43.17 -14.47
N VAL C 157 5.04 -43.73 -13.60
CA VAL C 157 5.04 -45.19 -13.44
C VAL C 157 3.72 -45.67 -14.01
N ASP C 158 3.76 -46.54 -15.04
CA ASP C 158 2.56 -47.05 -15.73
C ASP C 158 2.10 -48.42 -15.20
N HIS C 159 3.05 -49.24 -14.79
CA HIS C 159 2.83 -50.56 -14.28
C HIS C 159 3.60 -50.68 -12.97
N ALA C 160 3.02 -51.44 -12.05
CA ALA C 160 3.57 -51.76 -10.73
C ALA C 160 5.01 -52.18 -10.79
N SER C 161 5.35 -52.91 -11.84
CA SER C 161 6.65 -53.45 -11.97
C SER C 161 7.69 -52.37 -12.14
N GLU C 162 7.27 -51.18 -12.61
CA GLU C 162 8.17 -50.06 -12.85
C GLU C 162 8.41 -49.18 -11.63
N LEU C 163 7.60 -49.33 -10.58
CA LEU C 163 7.77 -48.56 -9.33
C LEU C 163 9.15 -48.61 -8.76
N GLN C 164 9.72 -49.82 -8.68
CA GLN C 164 10.97 -50.00 -7.98
C GLN C 164 12.10 -49.17 -8.58
N LYS C 165 12.22 -49.21 -9.91
CA LYS C 165 13.23 -48.40 -10.58
C LYS C 165 12.92 -46.89 -10.48
N ALA C 166 11.67 -46.51 -10.39
CA ALA C 166 11.41 -45.06 -10.22
C ALA C 166 11.84 -44.61 -8.79
N LEU C 167 11.72 -45.53 -7.83
CA LEU C 167 12.08 -45.19 -6.48
C LEU C 167 13.57 -45.09 -6.35
N VAL C 168 14.29 -46.05 -6.94
CA VAL C 168 15.75 -45.97 -6.94
C VAL C 168 16.26 -44.65 -7.52
N GLU C 169 15.72 -44.25 -8.65
CA GLU C 169 16.14 -43.04 -9.28
C GLU C 169 15.83 -41.86 -8.37
N ALA C 170 14.67 -41.84 -7.72
CA ALA C 170 14.33 -40.66 -6.92
C ALA C 170 15.23 -40.59 -5.70
N PHE C 171 15.57 -41.76 -5.15
CA PHE C 171 16.37 -41.79 -3.96
C PHE C 171 17.81 -41.40 -4.22
N GLN C 172 18.22 -41.21 -5.48
CA GLN C 172 19.54 -40.67 -5.74
C GLN C 172 19.62 -39.25 -5.24
N HIS C 173 18.50 -38.54 -5.16
CA HIS C 173 18.51 -37.09 -5.05
C HIS C 173 17.96 -36.58 -3.75
N ASP C 174 17.48 -37.48 -2.91
CA ASP C 174 16.69 -37.07 -1.78
C ASP C 174 16.36 -38.30 -0.94
N SER C 175 16.30 -38.10 0.37
CA SER C 175 16.07 -39.17 1.28
C SER C 175 14.62 -39.32 1.56
N ASP C 176 13.82 -38.34 1.12
CA ASP C 176 12.38 -38.41 1.18
C ASP C 176 11.83 -38.41 -0.29
N VAL C 177 10.78 -39.19 -0.52
CA VAL C 177 10.25 -39.30 -1.87
C VAL C 177 8.76 -39.29 -1.83
N LEU C 178 8.12 -38.75 -2.85
CA LEU C 178 6.67 -38.75 -2.92
C LEU C 178 6.12 -39.59 -4.10
N ILE C 179 5.13 -40.40 -3.80
CA ILE C 179 4.41 -41.10 -4.83
C ILE C 179 3.00 -40.54 -4.95
N GLU C 180 2.67 -39.96 -6.10
CA GLU C 180 1.40 -39.31 -6.31
C GLU C 180 0.56 -39.97 -7.37
N LYS C 181 -0.73 -39.87 -7.15
CA LYS C 181 -1.70 -40.29 -8.12
C LYS C 181 -1.58 -39.34 -9.32
N TRP C 182 -1.60 -39.90 -10.54
CA TRP C 182 -1.47 -39.11 -11.78
C TRP C 182 -2.71 -38.20 -11.91
N LEU C 183 -2.47 -36.91 -12.18
CA LEU C 183 -3.55 -35.93 -12.44
C LEU C 183 -3.56 -35.66 -13.95
N SER C 184 -4.73 -35.67 -14.55
CA SER C 184 -4.86 -35.58 -16.02
C SER C 184 -4.45 -34.22 -16.57
N GLY C 185 -4.74 -33.19 -15.82
CA GLY C 185 -4.44 -31.84 -16.25
C GLY C 185 -5.76 -31.31 -16.71
N PRO C 186 -5.76 -30.11 -17.27
CA PRO C 186 -4.60 -29.28 -17.54
C PRO C 186 -4.02 -28.61 -16.30
N GLU C 187 -2.86 -28.02 -16.52
CA GLU C 187 -2.06 -27.37 -15.52
C GLU C 187 -2.22 -25.87 -15.64
N PHE C 188 -2.19 -25.17 -14.51
CA PHE C 188 -2.30 -23.72 -14.49
C PHE C 188 -1.33 -23.12 -13.51
N THR C 189 -1.05 -21.84 -13.68
CA THR C 189 -0.29 -21.12 -12.66
C THR C 189 -0.96 -19.81 -12.42
N VAL C 190 -0.85 -19.35 -11.19
CA VAL C 190 -1.53 -18.14 -10.75
C VAL C 190 -0.54 -17.22 -10.10
N ALA C 191 -0.25 -16.09 -10.71
CA ALA C 191 0.67 -15.12 -10.12
C ALA C 191 -0.05 -14.26 -9.08
N ILE C 192 0.65 -14.02 -7.99
CA ILE C 192 0.16 -13.18 -6.94
C ILE C 192 1.14 -12.02 -6.73
N LEU C 193 0.60 -10.80 -6.67
CA LEU C 193 1.33 -9.59 -6.50
C LEU C 193 0.80 -8.83 -5.32
N GLY C 194 1.54 -8.86 -4.24
CA GLY C 194 1.00 -8.30 -3.02
C GLY C 194 -0.31 -9.00 -2.61
N ASP C 195 -1.40 -8.27 -2.60
CA ASP C 195 -2.67 -8.90 -2.25
C ASP C 195 -3.46 -9.25 -3.49
N GLU C 196 -2.96 -8.86 -4.65
CA GLU C 196 -3.73 -9.02 -5.87
C GLU C 196 -3.35 -10.35 -6.56
N VAL C 197 -4.37 -11.05 -7.00
CA VAL C 197 -4.22 -12.25 -7.75
C VAL C 197 -4.32 -11.84 -9.20
N LEU C 198 -3.34 -12.25 -10.02
CA LEU C 198 -3.35 -11.87 -11.43
C LEU C 198 -4.02 -12.95 -12.23
N PRO C 199 -4.30 -12.71 -13.52
CA PRO C 199 -5.00 -13.70 -14.39
C PRO C 199 -4.20 -14.98 -14.54
N SER C 200 -4.91 -16.10 -14.43
CA SER C 200 -4.32 -17.39 -14.47
C SER C 200 -3.86 -17.69 -15.89
N ILE C 201 -2.95 -18.65 -15.98
CA ILE C 201 -2.35 -18.99 -17.24
C ILE C 201 -2.41 -20.49 -17.30
N ARG C 202 -2.84 -20.99 -18.44
CA ARG C 202 -2.83 -22.42 -18.69
C ARG C 202 -1.53 -22.80 -19.39
N ILE C 203 -0.94 -23.91 -18.92
CA ILE C 203 0.37 -24.40 -19.34
C ILE C 203 0.27 -25.75 -19.99
N GLN C 204 0.77 -25.88 -21.22
CA GLN C 204 0.69 -27.12 -21.97
C GLN C 204 2.09 -27.57 -22.29
N PRO C 205 2.62 -28.40 -21.45
CA PRO C 205 3.99 -28.75 -21.63
C PRO C 205 4.14 -29.71 -22.81
N PRO C 206 5.32 -29.72 -23.43
CA PRO C 206 5.48 -30.55 -24.61
C PRO C 206 5.40 -32.04 -24.26
N GLY C 207 5.82 -32.41 -23.06
CA GLY C 207 5.85 -33.83 -22.69
C GLY C 207 5.08 -34.05 -21.41
N VAL C 208 5.51 -35.06 -20.65
CA VAL C 208 4.77 -35.50 -19.49
C VAL C 208 4.77 -34.48 -18.36
N PHE C 209 5.92 -33.85 -18.13
CA PHE C 209 6.16 -32.97 -17.00
C PHE C 209 6.48 -31.53 -17.45
N TYR C 210 5.96 -30.55 -16.71
CA TYR C 210 6.46 -29.18 -16.84
C TYR C 210 7.75 -29.12 -16.09
N ASP C 211 8.80 -29.53 -16.77
CA ASP C 211 10.12 -29.60 -16.21
C ASP C 211 11.04 -28.44 -16.71
N TYR C 212 12.32 -28.56 -16.35
CA TYR C 212 13.36 -27.59 -16.72
C TYR C 212 13.33 -27.27 -18.23
N ASP C 213 13.44 -28.30 -19.07
CA ASP C 213 13.37 -28.10 -20.54
C ASP C 213 12.10 -27.29 -20.92
N ALA C 214 10.95 -27.72 -20.41
CA ALA C 214 9.70 -27.04 -20.75
C ALA C 214 9.64 -25.59 -20.28
N LYS C 215 10.13 -25.33 -19.09
CA LYS C 215 10.08 -23.99 -18.56
C LYS C 215 11.03 -23.09 -19.29
N TYR C 216 12.24 -23.56 -19.54
CA TYR C 216 13.31 -22.62 -19.89
C TYR C 216 13.90 -22.73 -21.29
N LEU C 217 13.82 -23.90 -21.92
CA LEU C 217 14.59 -24.17 -23.13
C LEU C 217 13.75 -24.38 -24.38
N SER C 218 12.64 -25.09 -24.27
CA SER C 218 11.82 -25.42 -25.42
C SER C 218 10.83 -24.34 -25.79
N ASP C 219 10.70 -24.13 -27.10
CA ASP C 219 9.67 -23.22 -27.66
C ASP C 219 8.37 -23.98 -27.89
N LYS C 220 8.38 -25.29 -27.65
CA LYS C 220 7.18 -26.06 -27.88
C LYS C 220 6.16 -25.97 -26.73
N THR C 221 6.61 -25.65 -25.54
CA THR C 221 5.62 -25.50 -24.49
C THR C 221 4.65 -24.33 -24.86
N GLN C 222 3.38 -24.47 -24.52
CA GLN C 222 2.38 -23.48 -24.91
C GLN C 222 1.70 -22.89 -23.69
N TYR C 223 1.35 -21.61 -23.75
CA TYR C 223 0.85 -20.88 -22.61
C TYR C 223 -0.40 -20.14 -23.07
N PHE C 224 -1.49 -20.13 -22.27
CA PHE C 224 -2.72 -19.43 -22.59
C PHE C 224 -3.17 -18.52 -21.45
N CYS C 225 -3.40 -17.26 -21.78
CA CYS C 225 -3.79 -16.23 -20.85
C CYS C 225 -4.59 -15.26 -21.72
N PRO C 226 -5.91 -15.21 -21.52
CA PRO C 226 -6.64 -15.91 -20.48
C PRO C 226 -6.53 -17.43 -20.58
N SER C 227 -6.78 -18.13 -19.49
CA SER C 227 -6.59 -19.57 -19.43
C SER C 227 -7.64 -20.37 -20.17
N GLY C 228 -8.83 -19.81 -20.38
CA GLY C 228 -9.91 -20.62 -20.94
C GLY C 228 -10.91 -21.09 -19.89
N LEU C 229 -10.58 -21.01 -18.61
CA LEU C 229 -11.55 -21.31 -17.57
C LEU C 229 -12.71 -20.34 -17.67
N SER C 230 -13.90 -20.79 -17.24
CA SER C 230 -15.07 -19.96 -17.12
C SER C 230 -14.80 -18.94 -16.04
N ASP C 231 -15.57 -17.87 -16.01
CA ASP C 231 -15.42 -16.84 -14.98
C ASP C 231 -15.60 -17.41 -13.58
N GLU C 232 -16.50 -18.36 -13.45
CA GLU C 232 -16.79 -18.97 -12.18
C GLU C 232 -15.55 -19.77 -11.75
N SER C 233 -15.04 -20.62 -12.63
CA SER C 233 -13.82 -21.36 -12.35
C SER C 233 -12.62 -20.44 -12.03
N GLU C 234 -12.41 -19.38 -12.81
CA GLU C 234 -11.35 -18.41 -12.49
C GLU C 234 -11.51 -17.92 -11.10
N GLN C 235 -12.72 -17.54 -10.73
CA GLN C 235 -12.91 -16.98 -9.41
C GLN C 235 -12.53 -17.95 -8.33
N GLN C 236 -12.86 -19.21 -8.52
CA GLN C 236 -12.54 -20.12 -7.46
C GLN C 236 -11.05 -20.47 -7.41
N LEU C 237 -10.41 -20.48 -8.59
CA LEU C 237 -8.97 -20.77 -8.75
C LEU C 237 -8.23 -19.69 -8.01
N ALA C 238 -8.67 -18.46 -8.27
CA ALA C 238 -8.10 -17.26 -7.62
C ALA C 238 -8.18 -17.33 -6.10
N ALA C 239 -9.32 -17.76 -5.56
CA ALA C 239 -9.44 -17.77 -4.10
C ALA C 239 -8.61 -18.91 -3.54
N LEU C 240 -8.53 -20.01 -4.29
CA LEU C 240 -7.76 -21.16 -3.88
C LEU C 240 -6.26 -20.89 -3.90
N ALA C 241 -5.76 -20.24 -4.95
CA ALA C 241 -4.34 -19.88 -5.00
C ALA C 241 -3.98 -18.99 -3.84
N LEU C 242 -4.78 -17.97 -3.63
CA LEU C 242 -4.51 -17.02 -2.58
C LEU C 242 -4.44 -17.69 -1.23
N GLN C 243 -5.39 -18.59 -0.92
CA GLN C 243 -5.30 -19.42 0.30
C GLN C 243 -4.03 -20.31 0.35
N ALA C 244 -3.63 -20.88 -0.77
CA ALA C 244 -2.45 -21.74 -0.76
C ALA C 244 -1.17 -20.92 -0.44
N TYR C 245 -1.18 -19.69 -0.93
CA TYR C 245 -0.03 -18.81 -0.85
C TYR C 245 0.08 -18.38 0.61
N HIS C 246 -1.01 -17.88 1.15
CA HIS C 246 -1.06 -17.50 2.57
C HIS C 246 -0.78 -18.67 3.50
N ALA C 247 -1.24 -19.87 3.16
CA ALA C 247 -0.97 -21.04 3.99
C ALA C 247 0.49 -21.24 4.30
N LEU C 248 1.35 -20.93 3.34
CA LEU C 248 2.78 -21.16 3.45
C LEU C 248 3.49 -19.91 3.87
N ASP C 249 2.72 -18.86 4.14
CA ASP C 249 3.28 -17.58 4.65
C ASP C 249 4.08 -16.75 3.63
N CYS C 250 3.78 -16.92 2.34
CA CYS C 250 4.38 -16.11 1.30
C CYS C 250 4.03 -14.62 1.43
N SER C 251 4.85 -13.75 0.86
CA SER C 251 4.54 -12.34 0.80
C SER C 251 5.32 -11.77 -0.36
N GLY C 252 5.03 -10.50 -0.66
CA GLY C 252 5.60 -9.79 -1.76
C GLY C 252 4.97 -10.21 -3.09
N TRP C 253 5.44 -11.35 -3.62
CA TRP C 253 4.89 -11.90 -4.87
C TRP C 253 5.28 -13.35 -5.00
N GLY C 254 4.61 -14.05 -5.92
CA GLY C 254 4.91 -15.43 -6.20
C GLY C 254 4.00 -16.00 -7.24
N ARG C 255 4.10 -17.28 -7.46
CA ARG C 255 3.27 -18.00 -8.43
C ARG C 255 2.83 -19.29 -7.74
N VAL C 256 1.55 -19.60 -7.89
CA VAL C 256 0.99 -20.83 -7.39
C VAL C 256 0.64 -21.69 -8.57
N ASP C 257 1.06 -22.94 -8.51
CA ASP C 257 0.87 -23.90 -9.58
C ASP C 257 -0.22 -24.91 -9.14
N VAL C 258 -1.07 -25.22 -10.09
CA VAL C 258 -2.30 -25.89 -9.86
C VAL C 258 -2.54 -26.78 -11.07
N MET C 259 -3.17 -27.90 -10.80
CA MET C 259 -3.50 -28.87 -11.78
C MET C 259 -4.98 -29.42 -11.57
N GLN C 260 -5.73 -29.53 -12.65
CA GLN C 260 -7.02 -30.23 -12.60
C GLN C 260 -6.91 -31.73 -12.75
N ASP C 261 -7.88 -32.45 -12.16
CA ASP C 261 -8.14 -33.88 -12.42
C ASP C 261 -9.17 -33.98 -13.52
N ARG C 262 -9.37 -35.20 -14.04
CA ARG C 262 -10.37 -35.51 -15.07
C ARG C 262 -11.74 -34.90 -14.81
N ASP C 263 -12.17 -34.88 -13.56
CA ASP C 263 -13.49 -34.33 -13.23
C ASP C 263 -13.50 -32.80 -13.12
N GLY C 264 -12.36 -32.15 -13.30
CA GLY C 264 -12.28 -30.67 -13.23
C GLY C 264 -12.05 -30.04 -11.87
N HIS C 265 -11.87 -30.83 -10.81
CA HIS C 265 -11.48 -30.23 -9.52
C HIS C 265 -10.02 -29.78 -9.59
N PHE C 266 -9.69 -28.70 -8.87
CA PHE C 266 -8.30 -28.20 -8.73
C PHE C 266 -7.53 -28.83 -7.59
N TYR C 267 -6.25 -29.12 -7.87
CA TYR C 267 -5.28 -29.59 -6.92
C TYR C 267 -4.01 -28.73 -6.98
N LEU C 268 -3.54 -28.40 -5.82
CA LEU C 268 -2.39 -27.56 -5.65
C LEU C 268 -1.10 -28.36 -5.81
N LEU C 269 -0.12 -27.83 -6.54
CA LEU C 269 1.16 -28.53 -6.70
C LEU C 269 2.21 -27.92 -5.84
N GLU C 270 2.39 -26.63 -5.95
CA GLU C 270 3.48 -25.94 -5.23
C GLU C 270 3.38 -24.44 -5.37
N VAL C 271 4.28 -23.76 -4.67
CA VAL C 271 4.41 -22.33 -4.79
C VAL C 271 5.84 -21.99 -5.11
N ASN C 272 6.03 -21.11 -6.09
CA ASN C 272 7.36 -20.65 -6.45
C ASN C 272 7.61 -19.23 -5.90
N THR C 273 8.60 -19.09 -5.04
CA THR C 273 8.79 -17.81 -4.36
C THR C 273 9.82 -16.90 -5.00
N SER C 274 10.47 -17.32 -6.08
CA SER C 274 11.27 -16.36 -6.94
C SER C 274 11.12 -16.55 -8.45
N PRO C 275 9.92 -16.28 -8.98
CA PRO C 275 9.64 -16.66 -10.36
C PRO C 275 10.50 -15.97 -11.39
N GLY C 276 10.53 -16.59 -12.57
CA GLY C 276 11.16 -16.00 -13.76
C GLY C 276 10.64 -14.65 -14.08
N MET C 277 11.56 -13.76 -14.46
CA MET C 277 11.23 -12.41 -14.82
C MET C 277 11.82 -11.96 -16.16
N THR C 278 12.01 -12.88 -17.09
CA THR C 278 12.31 -12.43 -18.44
C THR C 278 11.04 -11.82 -18.98
N SER C 279 11.16 -11.18 -20.14
CA SER C 279 10.09 -10.39 -20.73
C SER C 279 8.89 -11.23 -21.02
N HIS C 280 9.10 -12.51 -21.29
CA HIS C 280 8.00 -13.43 -21.60
C HIS C 280 7.85 -14.61 -20.61
N SER C 281 8.32 -14.42 -19.38
CA SER C 281 8.09 -15.41 -18.33
C SER C 281 6.61 -15.30 -17.88
N LEU C 282 6.21 -16.26 -17.11
CA LEU C 282 4.81 -16.38 -16.63
C LEU C 282 4.27 -15.20 -15.85
N VAL C 283 5.00 -14.70 -14.85
CA VAL C 283 4.49 -13.58 -14.12
C VAL C 283 4.35 -12.34 -15.03
N PRO C 284 5.40 -11.97 -15.78
CA PRO C 284 5.17 -10.83 -16.69
C PRO C 284 4.00 -11.03 -17.62
N MET C 285 3.80 -12.25 -18.08
CA MET C 285 2.70 -12.48 -18.98
C MET C 285 1.36 -12.20 -18.27
N ALA C 286 1.22 -12.68 -17.03
CA ALA C 286 -0.01 -12.45 -16.29
C ALA C 286 -0.19 -10.99 -15.92
N ALA C 287 0.88 -10.36 -15.51
CA ALA C 287 0.87 -8.93 -15.16
C ALA C 287 0.44 -8.09 -16.37
N ARG C 288 0.86 -8.46 -17.57
CA ARG C 288 0.46 -7.71 -18.75
C ARG C 288 -1.05 -7.92 -18.99
N GLN C 289 -1.53 -9.17 -18.95
CA GLN C 289 -2.99 -9.40 -19.07
C GLN C 289 -3.83 -8.64 -18.03
N TYR C 290 -3.28 -8.44 -16.83
CA TYR C 290 -3.91 -7.67 -15.76
C TYR C 290 -3.88 -6.19 -16.05
N GLY C 291 -3.07 -5.76 -17.03
CA GLY C 291 -2.90 -4.33 -17.29
C GLY C 291 -1.68 -3.64 -16.76
N LEU C 292 -0.70 -4.34 -16.18
CA LEU C 292 0.55 -3.68 -15.82
C LEU C 292 1.60 -3.81 -16.89
N SER C 293 2.41 -2.76 -17.09
CA SER C 293 3.58 -2.86 -17.98
C SER C 293 4.61 -3.60 -17.17
N PHE C 294 5.56 -4.20 -17.83
CA PHE C 294 6.68 -4.83 -17.16
C PHE C 294 7.36 -3.90 -16.11
N SER C 295 7.63 -2.68 -16.52
CA SER C 295 8.19 -1.66 -15.64
C SER C 295 7.32 -1.48 -14.40
N GLN C 296 6.02 -1.38 -14.57
CA GLN C 296 5.19 -1.18 -13.39
C GLN C 296 5.23 -2.42 -12.49
N LEU C 297 5.35 -3.61 -13.08
CA LEU C 297 5.33 -4.83 -12.32
C LEU C 297 6.53 -4.80 -11.35
N VAL C 298 7.65 -4.46 -11.91
CA VAL C 298 8.91 -4.56 -11.22
C VAL C 298 8.95 -3.43 -10.16
N ALA C 299 8.43 -2.25 -10.50
CA ALA C 299 8.29 -1.19 -9.48
C ALA C 299 7.35 -1.58 -8.34
N ARG C 300 6.29 -2.28 -8.70
CA ARG C 300 5.35 -2.72 -7.68
C ARG C 300 6.00 -3.77 -6.76
N ILE C 301 6.68 -4.74 -7.35
CA ILE C 301 7.34 -5.77 -6.56
C ILE C 301 8.37 -5.12 -5.57
N LEU C 302 9.16 -4.18 -6.10
CA LEU C 302 10.14 -3.45 -5.28
C LEU C 302 9.42 -2.70 -4.16
N MET C 303 8.32 -2.04 -4.49
CA MET C 303 7.62 -1.21 -3.51
C MET C 303 7.14 -2.09 -2.39
N LEU C 304 6.92 -3.37 -2.70
CA LEU C 304 6.31 -4.20 -1.70
C LEU C 304 7.40 -4.70 -0.77
N ALA C 305 8.68 -4.46 -1.06
CA ALA C 305 9.74 -4.93 -0.21
C ALA C 305 9.77 -3.98 0.96
N ASP C 306 9.30 -4.46 2.10
CA ASP C 306 8.79 -3.66 3.26
C ASP C 306 7.29 -3.24 3.35
N MET D 1 45.61 -26.98 12.16
CA MET D 1 45.42 -28.39 11.73
C MET D 1 44.25 -29.07 12.47
N ALA D 2 44.13 -28.83 13.78
CA ALA D 2 42.89 -29.18 14.50
C ALA D 2 41.83 -28.19 14.05
N GLU D 3 40.58 -28.61 14.00
CA GLU D 3 39.55 -27.70 13.58
C GLU D 3 39.51 -26.51 14.55
N LYS D 4 39.24 -25.34 14.01
CA LYS D 4 38.94 -24.16 14.81
C LYS D 4 37.41 -23.99 14.91
N VAL D 5 36.89 -23.93 16.11
CA VAL D 5 35.47 -23.93 16.30
C VAL D 5 35.07 -22.56 16.89
N ALA D 6 34.06 -21.89 16.31
CA ALA D 6 33.43 -20.73 16.93
C ALA D 6 32.20 -21.06 17.73
N VAL D 7 32.16 -20.60 18.98
CA VAL D 7 30.95 -20.65 19.77
C VAL D 7 30.27 -19.27 19.71
N LEU D 8 29.22 -19.17 18.89
CA LEU D 8 28.51 -17.90 18.71
C LEU D 8 27.66 -17.65 19.90
N LEU D 9 27.81 -16.47 20.47
CA LEU D 9 27.10 -16.16 21.72
C LEU D 9 26.74 -14.69 21.87
N GLY D 10 25.89 -14.45 22.85
CA GLY D 10 25.46 -13.11 23.17
C GLY D 10 24.41 -12.63 22.23
N GLY D 11 24.86 -12.03 21.15
CA GLY D 11 23.94 -11.44 20.16
C GLY D 11 23.15 -10.21 20.58
N THR D 12 22.06 -9.94 19.87
CA THR D 12 21.32 -8.69 20.08
C THR D 12 19.86 -8.96 20.38
N SER D 13 19.50 -10.20 20.61
CA SER D 13 18.13 -10.53 20.91
C SER D 13 17.86 -10.20 22.37
N ALA D 14 16.58 -10.15 22.67
CA ALA D 14 16.08 -10.07 24.05
C ALA D 14 16.76 -11.07 24.98
N GLU D 15 17.23 -12.19 24.44
CA GLU D 15 17.78 -13.26 25.27
C GLU D 15 19.31 -13.15 25.39
N ARG D 16 19.84 -12.00 25.05
CA ARG D 16 21.31 -11.82 25.07
C ARG D 16 21.97 -12.28 26.38
N GLU D 17 21.44 -11.86 27.51
CA GLU D 17 22.06 -12.23 28.79
C GLU D 17 22.10 -13.74 29.02
N VAL D 18 21.01 -14.45 28.74
CA VAL D 18 21.02 -15.90 28.86
C VAL D 18 22.01 -16.58 27.87
N SER D 19 22.13 -16.04 26.65
CA SER D 19 22.97 -16.66 25.59
C SER D 19 24.44 -16.50 25.95
N LEU D 20 24.73 -15.41 26.64
CA LEU D 20 26.10 -15.17 27.10
C LEU D 20 26.49 -16.28 28.05
N LEU D 21 25.62 -16.63 28.98
CA LEU D 21 25.86 -17.73 29.91
C LEU D 21 25.89 -19.15 29.21
N SER D 22 24.95 -19.38 28.30
CA SER D 22 24.92 -20.59 27.47
C SER D 22 26.24 -20.74 26.76
N GLY D 23 26.67 -19.65 26.16
CA GLY D 23 27.87 -19.59 25.38
C GLY D 23 29.14 -19.82 26.14
N GLN D 24 29.22 -19.27 27.35
CA GLN D 24 30.45 -19.46 28.13
C GLN D 24 30.51 -20.90 28.67
N ALA D 25 29.36 -21.47 28.98
CA ALA D 25 29.39 -22.84 29.45
C ALA D 25 29.78 -23.75 28.26
N VAL D 26 29.14 -23.57 27.09
CA VAL D 26 29.50 -24.35 25.86
C VAL D 26 30.99 -24.22 25.56
N LEU D 27 31.49 -23.00 25.56
CA LEU D 27 32.92 -22.74 25.36
C LEU D 27 33.80 -23.55 26.30
N ALA D 28 33.44 -23.62 27.57
CA ALA D 28 34.32 -24.33 28.53
C ALA D 28 34.23 -25.85 28.35
N GLY D 29 33.00 -26.35 28.22
CA GLY D 29 32.74 -27.75 27.89
C GLY D 29 33.52 -28.29 26.69
N LEU D 30 33.53 -27.52 25.60
CA LEU D 30 34.23 -27.95 24.37
C LEU D 30 35.72 -27.98 24.57
N LYS D 31 36.29 -26.93 25.14
CA LYS D 31 37.75 -26.94 25.45
C LYS D 31 38.17 -28.12 26.37
N GLU D 32 37.33 -28.45 27.34
CA GLU D 32 37.52 -29.56 28.27
C GLU D 32 37.58 -30.87 27.57
N ALA D 33 36.92 -30.95 26.41
CA ALA D 33 36.88 -32.18 25.60
C ALA D 33 38.00 -32.21 24.62
N GLY D 34 38.74 -31.11 24.48
CA GLY D 34 39.93 -31.11 23.63
C GLY D 34 39.75 -30.36 22.32
N ILE D 35 38.65 -29.63 22.20
CA ILE D 35 38.34 -28.97 20.94
C ILE D 35 38.91 -27.57 20.97
N ASP D 36 39.50 -27.14 19.85
CA ASP D 36 40.07 -25.79 19.71
C ASP D 36 38.95 -24.75 19.44
N ALA D 37 38.26 -24.38 20.51
CA ALA D 37 37.08 -23.51 20.45
C ALA D 37 37.41 -22.10 20.90
N TYR D 38 36.60 -21.13 20.43
CA TYR D 38 36.68 -19.69 20.74
C TYR D 38 35.33 -19.07 20.85
N GLY D 39 35.14 -18.26 21.89
CA GLY D 39 33.88 -17.55 22.14
C GLY D 39 33.82 -16.41 21.17
N VAL D 40 32.64 -16.17 20.56
CA VAL D 40 32.44 -15.10 19.54
C VAL D 40 31.11 -14.43 19.79
N ASP D 41 31.21 -13.24 20.40
CA ASP D 41 30.05 -12.42 20.72
C ASP D 41 29.64 -11.76 19.42
N THR D 42 28.48 -12.13 18.89
CA THR D 42 28.09 -11.69 17.55
C THR D 42 27.57 -10.27 17.55
N LYS D 43 27.29 -9.74 18.75
CA LYS D 43 27.15 -8.30 18.93
C LYS D 43 28.36 -7.51 18.40
N ASP D 44 29.59 -8.01 18.52
CA ASP D 44 30.77 -7.23 18.14
C ASP D 44 31.43 -7.74 16.93
N PHE D 45 31.26 -9.03 16.67
CA PHE D 45 31.91 -9.65 15.57
C PHE D 45 30.81 -10.03 14.55
N PRO D 46 30.93 -9.59 13.28
CA PRO D 46 29.98 -9.95 12.22
C PRO D 46 30.10 -11.43 11.81
N VAL D 47 28.98 -12.11 11.96
CA VAL D 47 28.87 -13.50 11.62
C VAL D 47 29.33 -13.79 10.21
N THR D 48 29.09 -12.87 9.30
CA THR D 48 29.54 -13.03 7.94
C THR D 48 31.05 -13.12 7.75
N GLN D 49 31.82 -12.90 8.78
CA GLN D 49 33.26 -12.94 8.61
C GLN D 49 33.88 -14.20 9.21
N LEU D 50 33.06 -15.05 9.84
CA LEU D 50 33.57 -16.26 10.49
C LEU D 50 34.57 -17.02 9.64
N LYS D 51 34.30 -17.13 8.35
CA LYS D 51 35.20 -17.88 7.48
C LYS D 51 36.44 -17.07 7.22
N GLU D 52 36.30 -15.78 7.03
CA GLU D 52 37.47 -14.91 6.92
C GLU D 52 38.44 -15.16 8.08
N GLN D 53 37.94 -15.33 9.29
CA GLN D 53 38.80 -15.51 10.47
C GLN D 53 39.30 -16.95 10.73
N GLY D 54 39.16 -17.83 9.73
CA GLY D 54 39.70 -19.16 9.81
C GLY D 54 38.83 -20.19 10.49
N PHE D 55 37.60 -19.84 10.81
CA PHE D 55 36.77 -20.83 11.43
C PHE D 55 36.35 -21.91 10.43
N ASP D 56 36.31 -23.12 10.95
CA ASP D 56 36.00 -24.32 10.21
C ASP D 56 34.60 -24.77 10.53
N LYS D 57 34.15 -24.50 11.76
CA LYS D 57 32.91 -25.06 12.24
C LYS D 57 32.34 -24.20 13.40
N VAL D 58 31.04 -24.29 13.62
CA VAL D 58 30.34 -23.31 14.44
C VAL D 58 29.34 -23.98 15.35
N PHE D 59 29.44 -23.68 16.65
CA PHE D 59 28.44 -24.08 17.61
C PHE D 59 27.53 -22.87 17.90
N ILE D 60 26.24 -23.00 17.63
CA ILE D 60 25.35 -21.88 17.85
C ILE D 60 24.78 -21.94 19.25
N ALA D 61 25.08 -20.94 20.06
CA ALA D 61 24.59 -20.84 21.46
C ALA D 61 23.81 -19.53 21.67
N LEU D 62 23.20 -19.03 20.58
CA LEU D 62 22.35 -17.87 20.53
C LEU D 62 20.92 -18.33 20.68
N HIS D 63 20.08 -17.47 21.22
CA HIS D 63 18.68 -17.78 21.46
C HIS D 63 17.87 -16.65 20.89
N GLY D 64 16.62 -16.90 20.54
CA GLY D 64 15.78 -15.85 19.99
C GLY D 64 16.04 -15.46 18.56
N ARG D 65 15.45 -14.31 18.21
CA ARG D 65 15.61 -13.65 16.94
C ARG D 65 17.08 -13.64 16.57
N GLY D 66 17.36 -14.02 15.32
CA GLY D 66 18.73 -14.11 14.75
C GLY D 66 19.60 -15.27 15.28
N GLY D 67 19.05 -16.13 16.11
CA GLY D 67 19.81 -17.26 16.62
C GLY D 67 19.18 -18.61 16.30
N GLU D 68 17.89 -18.73 16.49
CA GLU D 68 17.23 -19.99 16.40
C GLU D 68 16.16 -20.00 15.35
N ASP D 69 16.15 -18.95 14.51
CA ASP D 69 15.06 -18.66 13.59
C ASP D 69 15.30 -18.88 12.11
N GLY D 70 16.49 -19.37 11.73
CA GLY D 70 16.73 -19.65 10.31
C GLY D 70 17.63 -18.66 9.65
N THR D 71 17.72 -17.45 10.22
CA THR D 71 18.45 -16.35 9.59
C THR D 71 19.95 -16.55 9.68
N LEU D 72 20.41 -16.85 10.85
CA LEU D 72 21.80 -17.18 11.06
C LEU D 72 22.17 -18.45 10.31
N GLN D 73 21.28 -19.41 10.35
CA GLN D 73 21.52 -20.66 9.66
C GLN D 73 21.69 -20.36 8.17
N GLY D 74 20.91 -19.42 7.65
CA GLY D 74 21.02 -19.04 6.28
C GLY D 74 22.37 -18.46 6.00
N VAL D 75 22.84 -17.61 6.90
CA VAL D 75 24.20 -17.05 6.72
C VAL D 75 25.28 -18.18 6.68
N LEU D 76 25.13 -19.20 7.51
CA LEU D 76 26.19 -20.23 7.62
C LEU D 76 26.11 -21.18 6.43
N GLU D 77 24.90 -21.40 5.90
CA GLU D 77 24.73 -22.17 4.68
C GLU D 77 25.46 -21.43 3.59
N PHE D 78 25.18 -20.16 3.43
CA PHE D 78 25.88 -19.39 2.39
C PHE D 78 27.41 -19.48 2.46
N LEU D 79 27.97 -19.40 3.67
CA LEU D 79 29.43 -19.51 3.91
C LEU D 79 29.93 -20.96 3.86
N GLN D 80 28.99 -21.90 3.92
CA GLN D 80 29.28 -23.32 3.86
C GLN D 80 30.04 -23.76 5.06
N LEU D 81 29.66 -23.22 6.23
CA LEU D 81 30.24 -23.65 7.46
C LEU D 81 29.28 -24.61 8.09
N PRO D 82 29.79 -25.78 8.45
CA PRO D 82 28.92 -26.65 9.20
C PRO D 82 28.62 -26.06 10.59
N TYR D 83 27.43 -26.31 11.08
CA TYR D 83 26.98 -25.74 12.33
C TYR D 83 26.08 -26.72 13.07
N THR D 84 25.95 -26.50 14.36
CA THR D 84 25.06 -27.26 15.21
C THR D 84 23.61 -26.96 15.06
N GLY D 85 22.82 -27.95 15.43
CA GLY D 85 21.35 -27.84 15.44
C GLY D 85 20.73 -27.87 14.05
N SER D 86 19.48 -27.44 14.02
CA SER D 86 18.63 -27.58 12.86
C SER D 86 18.94 -26.56 11.74
N GLY D 87 18.57 -26.95 10.52
CA GLY D 87 18.93 -26.16 9.33
C GLY D 87 17.98 -24.98 9.18
N VAL D 88 18.01 -24.36 8.00
CA VAL D 88 17.16 -23.16 7.74
C VAL D 88 15.67 -23.38 7.92
N MET D 89 15.16 -24.39 7.25
CA MET D 89 13.74 -24.52 7.24
C MET D 89 13.17 -24.84 8.63
N ALA D 90 13.74 -25.84 9.26
CA ALA D 90 13.31 -26.26 10.60
C ALA D 90 13.45 -25.15 11.63
N SER D 91 14.54 -24.43 11.58
CA SER D 91 14.77 -23.44 12.59
C SER D 91 13.67 -22.40 12.54
N ALA D 92 13.31 -22.03 11.31
CA ALA D 92 12.28 -21.03 11.04
C ALA D 92 10.87 -21.54 11.32
N LEU D 93 10.58 -22.79 10.97
CA LEU D 93 9.23 -23.35 11.08
C LEU D 93 8.88 -23.52 12.55
N THR D 94 9.88 -23.89 13.33
CA THR D 94 9.65 -24.03 14.77
C THR D 94 9.31 -22.71 15.50
N MET D 95 9.50 -21.56 14.87
CA MET D 95 9.10 -20.25 15.40
C MET D 95 7.63 -20.01 15.15
N ASP D 96 7.05 -20.80 14.25
CA ASP D 96 5.73 -20.49 13.76
C ASP D 96 4.84 -21.54 14.34
N LYS D 97 4.04 -21.16 15.34
CA LYS D 97 3.30 -22.14 16.11
C LYS D 97 2.12 -22.61 15.31
N LEU D 98 1.57 -21.74 14.48
CA LEU D 98 0.52 -22.19 13.57
C LEU D 98 0.98 -23.31 12.61
N ARG D 99 2.06 -23.07 11.89
CA ARG D 99 2.45 -24.04 10.84
C ARG D 99 3.06 -25.33 11.39
N THR D 100 3.78 -25.17 12.49
CA THR D 100 4.14 -26.30 13.35
C THR D 100 2.92 -27.19 13.68
N LYS D 101 1.83 -26.58 14.11
CA LYS D 101 0.65 -27.34 14.46
C LYS D 101 0.05 -28.01 13.22
N LEU D 102 0.03 -27.32 12.08
CA LEU D 102 -0.59 -27.86 10.86
C LEU D 102 0.20 -29.10 10.42
N VAL D 103 1.51 -28.99 10.42
CA VAL D 103 2.32 -30.09 10.03
C VAL D 103 1.95 -31.27 10.95
N TRP D 104 2.02 -31.07 12.27
CA TRP D 104 1.81 -32.17 13.22
C TRP D 104 0.44 -32.74 13.02
N GLN D 105 -0.53 -31.86 12.80
CA GLN D 105 -1.90 -32.30 12.61
C GLN D 105 -2.08 -33.18 11.36
N ALA D 106 -1.43 -32.81 10.25
CA ALA D 106 -1.56 -33.64 8.99
C ALA D 106 -0.96 -34.98 9.15
N LEU D 107 0.02 -35.09 10.03
CA LEU D 107 0.63 -36.38 10.29
C LEU D 107 -0.15 -37.15 11.41
N GLY D 108 -1.30 -36.63 11.86
CA GLY D 108 -2.04 -37.20 12.98
C GLY D 108 -1.27 -37.19 14.30
N LEU D 109 -0.45 -36.19 14.55
CA LEU D 109 0.23 -36.15 15.81
C LEU D 109 -0.65 -35.36 16.70
N PRO D 110 -0.65 -35.68 18.00
CA PRO D 110 -1.56 -35.09 18.98
C PRO D 110 -1.29 -33.63 19.33
N ILE D 111 -2.28 -32.77 19.08
CA ILE D 111 -2.20 -31.39 19.51
C ILE D 111 -3.54 -31.01 20.14
N SER D 112 -3.54 -29.95 20.93
CA SER D 112 -4.77 -29.48 21.52
C SER D 112 -5.74 -28.97 20.46
N PRO D 113 -7.03 -29.35 20.54
CA PRO D 113 -7.96 -28.66 19.67
C PRO D 113 -7.71 -27.15 19.70
N TYR D 114 -7.91 -26.50 18.55
CA TYR D 114 -7.65 -25.10 18.47
C TYR D 114 -8.40 -24.46 17.32
N VAL D 115 -8.43 -23.13 17.38
CA VAL D 115 -8.92 -22.32 16.30
C VAL D 115 -7.86 -21.27 15.99
N ALA D 116 -7.64 -21.10 14.69
CA ALA D 116 -6.69 -20.11 14.18
C ALA D 116 -7.46 -18.93 13.63
N LEU D 117 -7.00 -17.74 13.94
CA LEU D 117 -7.66 -16.52 13.56
C LEU D 117 -6.67 -15.56 12.91
N ASN D 118 -6.92 -15.22 11.64
CA ASN D 118 -6.13 -14.20 10.94
C ASN D 118 -6.65 -12.78 11.18
N ARG D 119 -5.91 -11.80 10.66
CA ARG D 119 -6.20 -10.39 10.86
C ARG D 119 -7.56 -10.00 10.30
N GLN D 120 -7.86 -10.48 9.09
CA GLN D 120 -9.13 -10.19 8.44
C GLN D 120 -10.27 -10.51 9.40
N GLN D 121 -10.31 -11.75 9.85
CA GLN D 121 -11.42 -12.26 10.63
C GLN D 121 -11.63 -11.43 11.91
N PHE D 122 -10.52 -11.04 12.54
CA PHE D 122 -10.62 -10.19 13.70
C PHE D 122 -11.26 -8.84 13.38
N GLU D 123 -11.09 -8.40 12.12
CA GLU D 123 -11.65 -7.14 11.60
C GLU D 123 -13.13 -7.29 11.23
N THR D 124 -13.50 -8.24 10.37
CA THR D 124 -14.92 -8.46 10.04
C THR D 124 -15.74 -8.89 11.30
N LEU D 125 -15.52 -10.14 11.73
CA LEU D 125 -16.25 -10.75 12.85
C LEU D 125 -16.32 -9.88 14.13
N SER D 126 -17.50 -9.89 14.76
CA SER D 126 -17.74 -9.12 16.00
C SER D 126 -17.64 -10.04 17.23
N PRO D 127 -17.50 -9.45 18.44
CA PRO D 127 -17.18 -10.23 19.65
C PRO D 127 -18.01 -11.51 19.87
N GLU D 128 -19.27 -11.49 19.45
CA GLU D 128 -20.21 -12.60 19.65
C GLU D 128 -19.91 -13.73 18.70
N GLU D 129 -19.74 -13.38 17.43
CA GLU D 129 -19.39 -14.39 16.44
C GLU D 129 -18.03 -15.01 16.80
N LEU D 130 -17.15 -14.26 17.45
CA LEU D 130 -15.84 -14.79 17.81
C LEU D 130 -15.99 -15.93 18.83
N VAL D 131 -16.75 -15.70 19.91
CA VAL D 131 -17.01 -16.76 20.92
C VAL D 131 -17.71 -17.93 20.25
N ALA D 132 -18.62 -17.66 19.33
CA ALA D 132 -19.29 -18.75 18.62
C ALA D 132 -18.28 -19.50 17.75
N CYS D 133 -17.24 -18.79 17.30
CA CYS D 133 -16.16 -19.43 16.54
C CYS D 133 -15.44 -20.46 17.45
N VAL D 134 -15.08 -20.03 18.67
CA VAL D 134 -14.31 -20.87 19.61
C VAL D 134 -15.13 -21.69 20.62
N ALA D 135 -16.44 -21.75 20.40
CA ALA D 135 -17.36 -22.28 21.42
C ALA D 135 -17.14 -23.73 21.56
N LYS D 136 -16.90 -24.39 20.42
CA LYS D 136 -16.62 -25.82 20.36
C LYS D 136 -15.35 -26.25 21.11
N LEU D 137 -14.52 -25.31 21.54
CA LEU D 137 -13.37 -25.64 22.35
C LEU D 137 -13.65 -25.73 23.88
N GLY D 138 -14.83 -25.26 24.29
CA GLY D 138 -15.19 -25.15 25.69
C GLY D 138 -14.35 -24.09 26.39
N LEU D 139 -14.23 -24.22 27.70
CA LEU D 139 -13.44 -23.28 28.52
C LEU D 139 -12.77 -24.06 29.64
N PRO D 140 -11.65 -23.57 30.18
CA PRO D 140 -10.94 -22.37 29.83
C PRO D 140 -10.12 -22.54 28.52
N LEU D 141 -9.53 -21.42 28.09
CA LEU D 141 -8.77 -21.31 26.82
C LEU D 141 -7.46 -20.57 27.00
N ILE D 142 -6.54 -20.89 26.11
CA ILE D 142 -5.29 -20.15 25.95
C ILE D 142 -5.34 -19.41 24.63
N VAL D 143 -5.02 -18.13 24.70
CA VAL D 143 -4.99 -17.28 23.54
C VAL D 143 -3.56 -16.79 23.35
N LYS D 144 -3.02 -17.00 22.14
CA LYS D 144 -1.61 -16.68 21.91
C LYS D 144 -1.28 -16.25 20.46
N PRO D 145 -0.34 -15.31 20.33
CA PRO D 145 0.17 -15.04 18.99
C PRO D 145 0.77 -16.31 18.34
N SER D 146 0.72 -16.42 17.03
CA SER D 146 1.42 -17.48 16.37
C SER D 146 2.92 -17.52 16.47
N HIS D 147 3.58 -16.38 16.51
CA HIS D 147 5.00 -16.34 16.67
C HIS D 147 5.36 -15.98 18.10
N SER D 151 7.97 -13.41 23.79
CA SER D 151 7.14 -14.50 24.33
C SER D 151 6.02 -13.98 25.25
N VAL D 152 5.12 -13.20 24.68
CA VAL D 152 4.10 -12.42 25.42
C VAL D 152 2.81 -12.27 24.59
N GLY D 153 1.82 -11.57 25.12
CA GLY D 153 0.51 -11.41 24.46
C GLY D 153 -0.35 -12.68 24.57
N MET D 154 0.03 -13.52 25.51
CA MET D 154 -0.61 -14.77 25.75
C MET D 154 -1.60 -14.57 26.90
N SER D 155 -2.84 -14.96 26.72
CA SER D 155 -3.75 -14.96 27.86
C SER D 155 -4.53 -16.27 28.08
N LYS D 156 -4.74 -16.59 29.37
CA LYS D 156 -5.71 -17.60 29.81
C LYS D 156 -7.09 -16.99 29.98
N VAL D 157 -8.04 -17.50 29.20
CA VAL D 157 -9.42 -17.02 29.17
C VAL D 157 -10.33 -18.06 29.89
N ASP D 158 -11.01 -17.60 30.94
CA ASP D 158 -11.87 -18.43 31.79
C ASP D 158 -13.37 -18.29 31.54
N HIS D 159 -13.82 -17.17 30.96
CA HIS D 159 -15.25 -16.96 30.59
C HIS D 159 -15.31 -16.28 29.21
N ALA D 160 -16.38 -16.52 28.43
CA ALA D 160 -16.51 -15.95 27.09
C ALA D 160 -16.24 -14.45 27.07
N SER D 161 -16.83 -13.75 28.03
CA SER D 161 -16.73 -12.29 28.18
C SER D 161 -15.28 -11.74 28.23
N GLU D 162 -14.30 -12.61 28.49
CA GLU D 162 -12.89 -12.20 28.60
C GLU D 162 -12.12 -12.36 27.27
N LEU D 163 -12.79 -12.92 26.25
CA LEU D 163 -12.11 -13.37 25.01
C LEU D 163 -11.55 -12.24 24.16
N GLN D 164 -12.30 -11.13 24.08
CA GLN D 164 -11.87 -9.94 23.35
C GLN D 164 -10.60 -9.33 23.91
N LYS D 165 -10.66 -8.97 25.19
CA LYS D 165 -9.52 -8.42 25.91
C LYS D 165 -8.27 -9.20 25.49
N ALA D 166 -8.39 -10.53 25.47
CA ALA D 166 -7.26 -11.39 25.15
C ALA D 166 -6.90 -11.39 23.65
N LEU D 167 -7.89 -11.25 22.77
CA LEU D 167 -7.60 -11.16 21.34
C LEU D 167 -6.92 -9.84 20.97
N VAL D 168 -7.44 -8.73 21.45
CA VAL D 168 -6.78 -7.44 21.32
C VAL D 168 -5.32 -7.48 21.76
N GLU D 169 -5.09 -7.94 22.98
CA GLU D 169 -3.74 -8.03 23.53
C GLU D 169 -2.85 -8.90 22.62
N ALA D 170 -3.43 -9.94 22.04
CA ALA D 170 -2.70 -10.88 21.18
C ALA D 170 -2.48 -10.36 19.74
N PHE D 171 -3.46 -9.67 19.18
CA PHE D 171 -3.33 -9.14 17.83
C PHE D 171 -2.46 -7.86 17.73
N GLN D 172 -1.99 -7.34 18.86
CA GLN D 172 -0.92 -6.33 18.86
C GLN D 172 0.28 -6.88 18.11
N HIS D 173 0.61 -8.16 18.35
CA HIS D 173 1.88 -8.76 17.95
C HIS D 173 1.83 -9.70 16.77
N ASP D 174 0.67 -9.96 16.15
CA ASP D 174 0.69 -10.90 15.02
C ASP D 174 -0.60 -10.98 14.19
N SER D 175 -0.43 -11.19 12.90
CA SER D 175 -1.57 -11.40 12.02
C SER D 175 -2.14 -12.81 12.12
N ASP D 176 -1.39 -13.74 12.70
CA ASP D 176 -1.95 -15.03 13.05
C ASP D 176 -2.03 -15.17 14.59
N VAL D 177 -3.12 -15.79 15.05
CA VAL D 177 -3.44 -15.88 16.48
C VAL D 177 -4.11 -17.21 16.75
N LEU D 178 -3.69 -17.83 17.84
CA LEU D 178 -4.21 -19.15 18.16
C LEU D 178 -5.08 -19.13 19.41
N ILE D 179 -6.22 -19.80 19.32
CA ILE D 179 -7.06 -20.09 20.52
C ILE D 179 -7.11 -21.61 20.77
N GLU D 180 -6.65 -22.04 21.93
CA GLU D 180 -6.38 -23.46 22.16
C GLU D 180 -7.17 -23.93 23.38
N LYS D 181 -7.69 -25.14 23.33
CA LYS D 181 -8.29 -25.70 24.50
C LYS D 181 -7.21 -25.83 25.58
N TRP D 182 -7.52 -25.28 26.75
CA TRP D 182 -6.67 -25.40 27.92
C TRP D 182 -6.36 -26.84 28.27
N LEU D 183 -5.13 -27.09 28.65
CA LEU D 183 -4.71 -28.46 29.01
C LEU D 183 -4.30 -28.42 30.48
N SER D 184 -4.77 -29.40 31.25
CA SER D 184 -4.54 -29.42 32.71
C SER D 184 -3.09 -29.67 33.09
N GLY D 185 -2.37 -30.41 32.26
CA GLY D 185 -0.94 -30.60 32.53
C GLY D 185 -0.85 -31.90 33.27
N PRO D 186 0.32 -32.23 33.82
CA PRO D 186 1.57 -31.45 33.87
C PRO D 186 2.31 -31.30 32.54
N GLU D 187 3.40 -30.55 32.60
CA GLU D 187 4.20 -30.14 31.48
C GLU D 187 5.57 -30.79 31.52
N PHE D 188 6.01 -31.26 30.34
CA PHE D 188 7.28 -31.93 30.17
C PHE D 188 8.07 -31.39 29.01
N THR D 189 9.39 -31.54 29.12
CA THR D 189 10.29 -31.29 28.06
C THR D 189 11.18 -32.52 27.82
N VAL D 190 11.45 -32.76 26.55
CA VAL D 190 12.22 -33.87 26.09
C VAL D 190 13.35 -33.37 25.19
N ALA D 191 14.54 -33.40 25.73
CA ALA D 191 15.76 -33.12 25.02
C ALA D 191 16.10 -34.23 24.00
N ILE D 192 16.54 -33.82 22.82
CA ILE D 192 16.94 -34.76 21.75
C ILE D 192 18.33 -34.42 21.33
N LEU D 193 19.18 -35.43 21.25
CA LEU D 193 20.55 -35.28 20.82
C LEU D 193 20.81 -36.28 19.69
N GLY D 194 20.92 -35.79 18.46
CA GLY D 194 20.98 -36.69 17.29
C GLY D 194 19.68 -37.48 17.10
N ASP D 195 19.72 -38.78 17.32
CA ASP D 195 18.51 -39.60 17.37
C ASP D 195 18.15 -40.16 18.75
N GLU D 196 18.96 -39.82 19.76
CA GLU D 196 18.72 -40.25 21.12
C GLU D 196 17.91 -39.25 21.93
N VAL D 197 16.87 -39.78 22.54
CA VAL D 197 15.97 -39.02 23.35
C VAL D 197 16.55 -39.11 24.75
N LEU D 198 16.76 -37.96 25.38
CA LEU D 198 17.23 -37.91 26.76
C LEU D 198 16.06 -38.05 27.75
N PRO D 199 16.35 -38.23 29.05
CA PRO D 199 15.30 -38.32 30.06
C PRO D 199 14.39 -37.12 30.15
N SER D 200 13.09 -37.36 30.18
CA SER D 200 12.14 -36.29 30.24
C SER D 200 12.23 -35.54 31.57
N ILE D 201 11.79 -34.31 31.53
CA ILE D 201 11.80 -33.44 32.68
C ILE D 201 10.39 -32.91 32.88
N ARG D 202 9.84 -33.08 34.09
CA ARG D 202 8.57 -32.45 34.44
C ARG D 202 8.85 -31.04 34.94
N ILE D 203 8.05 -30.10 34.47
CA ILE D 203 8.18 -28.72 34.81
C ILE D 203 6.96 -28.26 35.62
N GLN D 204 7.22 -27.53 36.71
CA GLN D 204 6.21 -26.91 37.57
C GLN D 204 6.41 -25.41 37.59
N PRO D 205 5.69 -24.68 36.73
CA PRO D 205 5.96 -23.25 36.71
C PRO D 205 5.51 -22.60 38.02
N PRO D 206 5.93 -21.34 38.27
CA PRO D 206 5.46 -20.60 39.46
C PRO D 206 3.94 -20.39 39.45
N GLY D 207 3.41 -19.94 38.31
CA GLY D 207 1.96 -19.76 38.15
C GLY D 207 1.53 -19.68 36.70
N VAL D 208 0.57 -20.54 36.31
CA VAL D 208 -0.14 -20.52 35.00
C VAL D 208 0.67 -20.85 33.69
N PHE D 209 1.71 -20.07 33.39
CA PHE D 209 2.58 -20.28 32.18
C PHE D 209 4.04 -20.53 32.52
N TYR D 210 4.69 -21.26 31.63
CA TYR D 210 6.11 -21.52 31.71
C TYR D 210 6.84 -20.60 30.73
N SER D 218 11.19 -16.76 38.42
CA SER D 218 12.59 -16.80 38.83
C SER D 218 12.71 -16.98 40.34
N ASP D 219 12.17 -18.06 40.87
CA ASP D 219 12.26 -18.33 42.29
C ASP D 219 11.62 -19.67 42.61
N LYS D 220 10.39 -19.78 42.15
CA LYS D 220 9.59 -20.92 42.50
C LYS D 220 9.71 -22.02 41.44
N THR D 221 10.08 -21.64 40.20
CA THR D 221 10.08 -22.60 39.06
C THR D 221 10.76 -23.85 39.56
N GLN D 222 10.07 -24.99 39.42
CA GLN D 222 10.58 -26.29 39.85
C GLN D 222 10.67 -27.29 38.66
N TYR D 223 11.74 -28.08 38.65
CA TYR D 223 11.98 -29.11 37.64
C TYR D 223 12.20 -30.42 38.33
N PHE D 224 11.64 -31.46 37.75
CA PHE D 224 11.78 -32.79 38.25
C PHE D 224 12.29 -33.74 37.15
N CYS D 225 13.40 -34.40 37.47
CA CYS D 225 14.02 -35.37 36.59
C CYS D 225 14.66 -36.40 37.51
N PRO D 226 14.10 -37.62 37.61
CA PRO D 226 13.02 -38.21 36.81
C PRO D 226 11.70 -37.42 36.86
N SER D 227 10.91 -37.57 35.81
CA SER D 227 9.69 -36.80 35.66
C SER D 227 8.56 -37.43 36.47
N GLY D 228 8.73 -38.69 36.86
CA GLY D 228 7.72 -39.40 37.63
C GLY D 228 6.74 -40.16 36.74
N LEU D 229 7.03 -40.26 35.45
CA LEU D 229 6.19 -41.05 34.57
C LEU D 229 6.55 -42.54 34.67
N SER D 230 5.60 -43.44 34.36
CA SER D 230 5.99 -44.84 34.21
C SER D 230 7.09 -45.04 33.13
N ASP D 231 7.61 -46.25 33.07
CA ASP D 231 8.59 -46.62 32.07
C ASP D 231 7.88 -46.69 30.71
N GLU D 232 6.73 -47.36 30.70
CA GLU D 232 5.84 -47.39 29.54
C GLU D 232 5.52 -45.97 29.00
N SER D 233 5.26 -45.02 29.91
CA SER D 233 4.96 -43.65 29.53
C SER D 233 6.13 -42.85 28.99
N GLU D 234 7.31 -43.03 29.57
CA GLU D 234 8.48 -42.39 29.06
C GLU D 234 8.76 -42.89 27.64
N GLN D 235 8.62 -44.17 27.40
CA GLN D 235 8.94 -44.71 26.07
C GLN D 235 7.93 -44.16 25.06
N GLN D 236 6.67 -43.98 25.45
CA GLN D 236 5.67 -43.35 24.59
C GLN D 236 6.01 -41.91 24.29
N LEU D 237 6.31 -41.18 25.35
CA LEU D 237 6.63 -39.79 25.26
C LEU D 237 7.84 -39.62 24.35
N ALA D 238 8.85 -40.42 24.59
CA ALA D 238 10.08 -40.35 23.83
C ALA D 238 9.88 -40.61 22.32
N ALA D 239 9.01 -41.56 21.96
CA ALA D 239 8.80 -41.89 20.54
C ALA D 239 8.02 -40.73 19.90
N LEU D 240 7.05 -40.23 20.66
CA LEU D 240 6.27 -39.10 20.24
C LEU D 240 7.16 -37.88 20.05
N ALA D 241 8.02 -37.57 21.02
CA ALA D 241 8.94 -36.44 20.85
C ALA D 241 9.76 -36.55 19.58
N LEU D 242 10.29 -37.74 19.34
CA LEU D 242 11.17 -37.97 18.20
C LEU D 242 10.41 -37.70 16.89
N GLN D 243 9.22 -38.28 16.73
CA GLN D 243 8.35 -38.03 15.59
C GLN D 243 8.03 -36.57 15.40
N ALA D 244 7.70 -35.87 16.48
CA ALA D 244 7.41 -34.45 16.37
C ALA D 244 8.65 -33.64 15.91
N TYR D 245 9.84 -34.05 16.36
CA TYR D 245 11.11 -33.38 16.01
C TYR D 245 11.37 -33.62 14.48
N HIS D 246 11.32 -34.88 14.07
CA HIS D 246 11.49 -35.23 12.65
C HIS D 246 10.46 -34.66 11.71
N ALA D 247 9.22 -34.60 12.17
CA ALA D 247 8.14 -34.01 11.42
C ALA D 247 8.44 -32.59 10.96
N LEU D 248 9.23 -31.83 11.73
CA LEU D 248 9.54 -30.46 11.40
C LEU D 248 10.91 -30.36 10.78
N ASP D 249 11.57 -31.48 10.55
CA ASP D 249 12.91 -31.53 9.85
C ASP D 249 14.10 -31.08 10.69
N CYS D 250 13.93 -31.18 12.02
CA CYS D 250 14.97 -30.81 12.94
C CYS D 250 16.05 -31.83 12.88
N SER D 251 17.24 -31.41 13.30
CA SER D 251 18.42 -32.26 13.37
C SER D 251 19.44 -31.68 14.38
N GLY D 252 20.51 -32.44 14.64
CA GLY D 252 21.54 -32.06 15.57
C GLY D 252 21.05 -32.25 17.00
N TRP D 253 20.27 -31.30 17.44
CA TRP D 253 19.62 -31.37 18.75
C TRP D 253 18.53 -30.32 18.90
N GLY D 254 17.77 -30.47 19.97
CA GLY D 254 16.67 -29.57 20.26
C GLY D 254 15.93 -30.04 21.50
N ARG D 255 14.82 -29.38 21.79
CA ARG D 255 13.98 -29.74 22.92
C ARG D 255 12.58 -29.72 22.46
N VAL D 256 11.78 -30.74 22.80
CA VAL D 256 10.35 -30.81 22.45
C VAL D 256 9.54 -30.61 23.71
N ASP D 257 8.52 -29.75 23.66
CA ASP D 257 7.75 -29.40 24.82
C ASP D 257 6.38 -30.03 24.65
N VAL D 258 5.95 -30.75 25.68
CA VAL D 258 4.75 -31.55 25.62
C VAL D 258 3.93 -31.29 26.88
N MET D 259 2.61 -31.43 26.81
CA MET D 259 1.73 -31.37 27.97
C MET D 259 0.73 -32.49 27.96
N GLN D 260 0.37 -32.92 29.15
CA GLN D 260 -0.68 -33.92 29.35
C GLN D 260 -2.00 -33.23 29.55
N ASP D 261 -3.09 -33.95 29.25
CA ASP D 261 -4.45 -33.54 29.60
C ASP D 261 -4.92 -34.36 30.82
N ARG D 262 -6.13 -34.08 31.30
CA ARG D 262 -6.77 -34.82 32.43
C ARG D 262 -6.62 -36.33 32.35
N ASP D 263 -6.71 -36.88 31.14
CA ASP D 263 -6.70 -38.33 30.98
C ASP D 263 -5.34 -38.96 30.79
N GLY D 264 -4.27 -38.18 30.91
CA GLY D 264 -2.92 -38.69 30.73
C GLY D 264 -2.40 -38.62 29.29
N HIS D 265 -3.22 -38.24 28.33
CA HIS D 265 -2.75 -38.13 26.92
C HIS D 265 -1.76 -36.97 26.76
N PHE D 266 -0.68 -37.25 26.04
CA PHE D 266 0.30 -36.23 25.66
C PHE D 266 -0.14 -35.39 24.48
N TYR D 267 0.21 -34.11 24.53
CA TYR D 267 -0.03 -33.17 23.44
C TYR D 267 1.24 -32.40 23.21
N LEU D 268 1.59 -32.21 21.92
CA LEU D 268 2.77 -31.47 21.50
C LEU D 268 2.51 -29.96 21.50
N LEU D 269 3.50 -29.20 21.93
CA LEU D 269 3.37 -27.73 22.02
C LEU D 269 4.28 -27.03 21.01
N GLU D 270 5.59 -27.22 21.14
CA GLU D 270 6.60 -26.56 20.32
C GLU D 270 7.92 -27.34 20.40
N VAL D 271 8.81 -27.02 19.47
CA VAL D 271 10.15 -27.53 19.47
C VAL D 271 11.04 -26.33 19.48
N ASN D 272 12.01 -26.37 20.37
CA ASN D 272 13.01 -25.37 20.46
C ASN D 272 14.30 -25.82 19.78
N THR D 273 14.77 -25.03 18.83
CA THR D 273 15.93 -25.43 18.04
C THR D 273 17.28 -24.82 18.47
N SER D 274 17.30 -23.96 19.50
CA SER D 274 18.61 -23.62 20.19
C SER D 274 18.43 -23.38 21.73
N PRO D 275 18.28 -24.47 22.50
CA PRO D 275 17.99 -24.44 23.92
C PRO D 275 19.07 -23.79 24.81
N GLY D 276 18.60 -23.25 25.93
CA GLY D 276 19.48 -22.74 26.96
C GLY D 276 20.47 -23.79 27.32
N MET D 277 21.72 -23.37 27.45
CA MET D 277 22.79 -24.21 28.01
C MET D 277 23.39 -23.66 29.33
N THR D 278 22.64 -22.86 30.09
CA THR D 278 23.13 -22.35 31.40
C THR D 278 23.06 -23.46 32.42
N SER D 279 23.75 -23.25 33.54
CA SER D 279 23.67 -24.17 34.68
C SER D 279 22.23 -24.50 35.12
N HIS D 280 21.30 -23.58 34.99
CA HIS D 280 19.88 -23.81 35.34
C HIS D 280 19.02 -24.40 34.19
N SER D 281 19.57 -24.48 32.97
CA SER D 281 18.75 -24.83 31.78
C SER D 281 18.30 -26.30 31.72
N LEU D 282 17.25 -26.57 30.96
CA LEU D 282 16.71 -27.93 30.92
C LEU D 282 17.66 -28.96 30.26
N VAL D 283 18.41 -28.56 29.23
CA VAL D 283 19.05 -29.57 28.41
C VAL D 283 20.18 -30.14 29.21
N PRO D 284 20.98 -29.26 29.81
CA PRO D 284 22.04 -29.79 30.67
C PRO D 284 21.51 -30.73 31.73
N MET D 285 20.31 -30.48 32.22
CA MET D 285 19.79 -31.27 33.28
C MET D 285 19.46 -32.66 32.80
N ALA D 286 18.82 -32.72 31.64
CA ALA D 286 18.47 -34.02 31.09
C ALA D 286 19.73 -34.82 30.78
N ALA D 287 20.78 -34.12 30.36
CA ALA D 287 22.00 -34.79 29.96
C ALA D 287 22.66 -35.41 31.19
N ARG D 288 22.70 -34.60 32.23
CA ARG D 288 23.18 -35.06 33.54
C ARG D 288 22.48 -36.35 33.90
N GLN D 289 21.17 -36.31 34.02
CA GLN D 289 20.41 -37.52 34.32
C GLN D 289 20.72 -38.73 33.38
N TYR D 290 20.97 -38.46 32.10
CA TYR D 290 21.39 -39.47 31.12
C TYR D 290 22.74 -40.08 31.47
N GLY D 291 23.57 -39.34 32.17
CA GLY D 291 24.86 -39.85 32.57
C GLY D 291 26.01 -39.08 31.96
N LEU D 292 25.74 -38.03 31.19
CA LEU D 292 26.78 -37.24 30.54
C LEU D 292 27.21 -36.06 31.35
N SER D 293 28.50 -35.74 31.27
CA SER D 293 28.97 -34.45 31.72
C SER D 293 28.53 -33.37 30.73
N PHE D 294 28.64 -32.11 31.12
CA PHE D 294 28.26 -31.03 30.21
C PHE D 294 29.17 -30.95 29.02
N SER D 295 30.45 -31.15 29.30
CA SER D 295 31.44 -31.23 28.27
C SER D 295 31.09 -32.28 27.20
N GLN D 296 30.68 -33.45 27.65
CA GLN D 296 30.37 -34.56 26.78
C GLN D 296 29.18 -34.21 25.87
N LEU D 297 28.16 -33.65 26.52
CA LEU D 297 26.99 -33.12 25.86
C LEU D 297 27.31 -32.20 24.72
N VAL D 298 28.20 -31.24 24.94
CA VAL D 298 28.48 -30.25 23.90
C VAL D 298 29.34 -30.81 22.82
N ALA D 299 30.18 -31.78 23.16
CA ALA D 299 31.11 -32.35 22.18
C ALA D 299 30.27 -33.29 21.31
N ARG D 300 29.28 -33.92 21.92
CA ARG D 300 28.37 -34.70 21.15
C ARG D 300 27.58 -33.86 20.14
N ILE D 301 27.01 -32.77 20.63
CA ILE D 301 26.24 -31.87 19.76
C ILE D 301 27.05 -31.44 18.55
N LEU D 302 28.30 -31.11 18.83
CA LEU D 302 29.18 -30.63 17.79
C LEU D 302 29.59 -31.73 16.81
N MET D 303 29.68 -32.95 17.32
CA MET D 303 29.99 -34.09 16.46
C MET D 303 28.88 -34.25 15.39
N LEU D 304 27.67 -33.84 15.71
CA LEU D 304 26.54 -33.93 14.81
C LEU D 304 26.50 -32.84 13.76
N ALA D 305 27.48 -31.96 13.78
CA ALA D 305 27.63 -30.93 12.76
C ALA D 305 28.76 -31.36 11.86
N ASP D 306 28.48 -31.52 10.57
CA ASP D 306 29.52 -31.92 9.60
C ASP D 306 29.21 -31.26 8.23
#